data_3B98
#
_entry.id   3B98
#
_cell.length_a   58.667
_cell.length_b   87.896
_cell.length_c   190.854
_cell.angle_alpha   90.00
_cell.angle_beta   90.00
_cell.angle_gamma   90.00
#
_symmetry.space_group_name_H-M   'P 21 21 21'
#
loop_
_entity.id
_entity.type
_entity.pdbx_description
1 polymer 'Prostaglandin I2 synthase'
2 non-polymer 'PROTOPORPHYRIN IX CONTAINING FE'
3 water water
#
_entity_poly.entity_id   1
_entity_poly.type   'polypeptide(L)'
_entity_poly.pdbx_seq_one_letter_code
;MAKKTSSVLYGRRTRRRNEPPLDKGMIPWLGHALEFGKDAAKFLTRMKEKHGDIFTVRAAGLYITVLLDSNCYDAVLSDV
ASLDQTSYAQVLMKRIFNMILPSHNPESEKKRAEMHFQGASLTQLSNSMQNNLRLLMTPSEMGLKTSEWKKDGLFNLCYS
LLFKTGYLTVFGAENNNSAALTQIYEEFRRFDKLLPKLARTTVNKEEKQIASAAREKLWKWLTPSGLDRKPREQSWLGSY
VKQLQDEGIDAEMQRRAMLLQLWVTQGNAGPAAFWVMGYLLTHPEALRAVREEIQGGKHLRLEERQKNTPVFDSVLWETL
RLTAAALITRDVTQDKKICLSNGQEYHLRRGDRLCVFPFISPQMDPQIHQQPEMFQFDRFLNADRTEKKDFFKNGARVKY
PSVPWGTEDNLCPGRHFAVHAIKELVFTILTRFDVELCDKNATVPLVDPSRYGFGILQPAGDLEIRYRIRFHHHH
;
_entity_poly.pdbx_strand_id   A,B
#
# COMPACT_ATOMS: atom_id res chain seq x y z
N ARG A 13 27.09 -32.34 8.39
CA ARG A 13 28.02 -31.89 7.30
C ARG A 13 29.45 -31.75 7.81
N THR A 14 30.40 -32.28 7.04
CA THR A 14 31.81 -32.22 7.36
C THR A 14 32.60 -31.82 6.11
N ARG A 15 33.63 -31.00 6.29
CA ARG A 15 34.54 -30.62 5.20
C ARG A 15 35.24 -31.82 4.58
N ARG A 16 35.20 -31.90 3.26
CA ARG A 16 35.99 -32.88 2.50
C ARG A 16 37.27 -32.20 2.03
N ARG A 17 38.19 -32.98 1.45
CA ARG A 17 39.51 -32.48 1.03
C ARG A 17 39.36 -31.31 0.06
N ASN A 18 40.11 -30.25 0.34
CA ASN A 18 40.13 -29.04 -0.50
C ASN A 18 38.80 -28.27 -0.60
N GLU A 19 37.80 -28.64 0.17
CA GLU A 19 36.59 -27.82 0.26
C GLU A 19 36.93 -26.50 0.97
N PRO A 20 36.18 -25.42 0.69
CA PRO A 20 36.42 -24.15 1.38
C PRO A 20 36.22 -24.28 2.89
N PRO A 21 36.76 -23.31 3.66
CA PRO A 21 36.42 -23.24 5.08
C PRO A 21 34.89 -23.29 5.29
N LEU A 22 34.47 -23.94 6.39
CA LEU A 22 33.07 -24.20 6.64
C LEU A 22 32.64 -23.50 7.92
N ASP A 23 31.56 -22.72 7.82
CA ASP A 23 31.05 -21.94 8.94
C ASP A 23 29.56 -22.18 9.09
N LYS A 24 29.22 -23.03 10.06
CA LYS A 24 27.85 -23.49 10.26
C LYS A 24 27.00 -22.54 11.11
N GLY A 25 27.64 -21.75 11.97
CA GLY A 25 26.91 -20.96 12.95
C GLY A 25 26.39 -21.83 14.09
N MET A 26 25.89 -21.21 15.14
CA MET A 26 25.49 -21.94 16.34
C MET A 26 24.05 -22.47 16.33
N ILE A 27 23.20 -21.89 15.51
CA ILE A 27 21.80 -22.35 15.38
C ILE A 27 21.70 -23.55 14.45
N PRO A 28 21.31 -24.74 14.99
CA PRO A 28 21.23 -25.95 14.19
C PRO A 28 20.27 -25.76 13.01
N TRP A 29 20.71 -26.24 11.84
CA TRP A 29 19.96 -26.19 10.58
C TRP A 29 19.85 -24.78 9.99
N LEU A 30 19.32 -23.85 10.78
CA LEU A 30 19.10 -22.48 10.33
C LEU A 30 20.41 -21.74 10.04
N GLY A 31 21.40 -21.95 10.90
CA GLY A 31 22.73 -21.34 10.72
C GLY A 31 22.73 -19.83 10.67
N HIS A 32 23.31 -19.30 9.59
CA HIS A 32 23.49 -17.85 9.43
C HIS A 32 22.36 -17.17 8.63
N ALA A 33 21.28 -17.89 8.37
CA ALA A 33 20.20 -17.36 7.52
C ALA A 33 19.76 -15.92 7.86
N LEU A 34 19.49 -15.67 9.13
CA LEU A 34 18.96 -14.37 9.57
C LEU A 34 19.97 -13.23 9.40
N GLU A 35 21.17 -13.41 9.95
CA GLU A 35 22.24 -12.41 9.86
C GLU A 35 22.65 -12.10 8.42
N PHE A 36 22.81 -13.15 7.61
CA PHE A 36 23.10 -13.03 6.18
C PHE A 36 22.04 -12.15 5.47
N GLY A 37 20.76 -12.39 5.74
CA GLY A 37 19.69 -11.65 5.10
C GLY A 37 19.56 -10.21 5.54
N LYS A 38 19.85 -9.95 6.82
CA LYS A 38 19.68 -8.62 7.41
C LYS A 38 20.66 -7.55 6.90
N ASP A 39 21.90 -7.97 6.65
CA ASP A 39 22.91 -7.11 6.04
C ASP A 39 23.94 -8.01 5.39
N ALA A 40 23.74 -8.30 4.10
CA ALA A 40 24.54 -9.26 3.38
C ALA A 40 26.01 -8.82 3.24
N ALA A 41 26.22 -7.52 3.08
CA ALA A 41 27.55 -6.95 2.93
C ALA A 41 28.33 -7.04 4.23
N LYS A 42 27.68 -6.69 5.34
CA LYS A 42 28.31 -6.77 6.66
C LYS A 42 28.70 -8.20 6.99
N PHE A 43 27.76 -9.13 6.82
CA PHE A 43 27.97 -10.55 7.10
C PHE A 43 29.07 -11.17 6.22
N LEU A 44 28.98 -10.98 4.90
CA LEU A 44 29.98 -11.54 3.98
C LEU A 44 31.35 -10.88 4.11
N THR A 45 31.39 -9.63 4.54
CA THR A 45 32.65 -8.97 4.84
C THR A 45 33.31 -9.58 6.09
N ARG A 46 32.49 -9.79 7.13
CA ARG A 46 32.89 -10.48 8.36
C ARG A 46 33.44 -11.87 8.04
N MET A 47 32.74 -12.59 7.17
CA MET A 47 33.14 -13.93 6.76
C MET A 47 34.45 -13.93 5.97
N LYS A 48 34.63 -12.92 5.10
CA LYS A 48 35.88 -12.76 4.35
C LYS A 48 37.06 -12.52 5.29
N GLU A 49 36.87 -11.63 6.27
CA GLU A 49 37.92 -11.33 7.24
C GLU A 49 38.31 -12.60 8.03
N LYS A 50 37.31 -13.41 8.34
CA LYS A 50 37.50 -14.65 9.09
C LYS A 50 38.19 -15.77 8.29
N HIS A 51 37.73 -15.98 7.04
CA HIS A 51 38.10 -17.18 6.28
C HIS A 51 38.86 -16.94 4.99
N GLY A 52 38.83 -15.71 4.48
CA GLY A 52 39.47 -15.39 3.20
C GLY A 52 38.49 -15.26 2.05
N ASP A 53 38.99 -15.48 0.84
CA ASP A 53 38.25 -15.22 -0.40
C ASP A 53 37.21 -16.27 -0.78
N ILE A 54 37.21 -17.40 -0.08
CA ILE A 54 36.23 -18.44 -0.33
C ILE A 54 35.88 -19.14 0.98
N PHE A 55 34.59 -19.36 1.20
CA PHE A 55 34.10 -20.01 2.41
C PHE A 55 32.69 -20.51 2.13
N THR A 56 32.24 -21.45 2.94
CA THR A 56 30.92 -22.05 2.79
C THR A 56 30.15 -21.75 4.07
N VAL A 57 28.96 -21.17 3.93
CA VAL A 57 28.11 -20.91 5.08
C VAL A 57 26.85 -21.77 5.03
N ARG A 58 26.41 -22.17 6.23
CA ARG A 58 25.13 -22.82 6.40
C ARG A 58 24.04 -21.74 6.56
N ALA A 59 22.94 -21.90 5.83
CA ALA A 59 21.80 -21.00 5.95
C ALA A 59 20.52 -21.75 5.56
N ALA A 60 19.63 -21.91 6.53
CA ALA A 60 18.35 -22.62 6.33
C ALA A 60 18.50 -24.02 5.71
N GLY A 61 19.40 -24.82 6.27
CA GLY A 61 19.61 -26.20 5.85
C GLY A 61 20.41 -26.38 4.56
N LEU A 62 20.79 -25.26 3.95
CA LEU A 62 21.53 -25.27 2.71
C LEU A 62 22.94 -24.80 2.97
N TYR A 63 23.87 -25.24 2.13
CA TYR A 63 25.25 -24.76 2.22
C TYR A 63 25.60 -23.91 1.02
N ILE A 64 26.04 -22.70 1.31
CA ILE A 64 26.32 -21.70 0.29
C ILE A 64 27.80 -21.33 0.29
N THR A 65 28.48 -21.69 -0.78
CA THR A 65 29.88 -21.31 -0.96
C THR A 65 29.94 -19.93 -1.59
N VAL A 66 30.67 -19.02 -0.96
CA VAL A 66 30.83 -17.67 -1.46
C VAL A 66 32.25 -17.46 -1.99
N LEU A 67 32.33 -16.86 -3.18
CA LEU A 67 33.59 -16.60 -3.86
C LEU A 67 33.76 -15.10 -4.04
N LEU A 68 34.90 -14.59 -3.60
CA LEU A 68 35.17 -13.16 -3.50
C LEU A 68 36.51 -12.77 -4.16
N ASP A 69 37.10 -13.71 -4.88
CA ASP A 69 38.29 -13.46 -5.70
C ASP A 69 37.78 -13.09 -7.08
N SER A 70 37.74 -11.78 -7.37
CA SER A 70 37.11 -11.27 -8.60
C SER A 70 37.81 -11.69 -9.90
N ASN A 71 39.08 -12.10 -9.78
CA ASN A 71 39.83 -12.60 -10.95
C ASN A 71 39.29 -13.92 -11.48
N CYS A 72 38.52 -14.63 -10.66
CA CYS A 72 37.96 -15.94 -11.02
C CYS A 72 36.50 -15.91 -11.43
N TYR A 73 35.80 -14.81 -11.13
CA TYR A 73 34.34 -14.74 -11.33
C TYR A 73 33.93 -15.22 -12.72
N ASP A 74 34.50 -14.61 -13.75
CA ASP A 74 34.14 -14.88 -15.15
C ASP A 74 34.32 -16.35 -15.53
N ALA A 75 35.51 -16.88 -15.25
CA ALA A 75 35.85 -18.26 -15.62
C ALA A 75 34.98 -19.30 -14.90
N VAL A 76 34.78 -19.12 -13.60
CA VAL A 76 33.95 -20.02 -12.81
C VAL A 76 32.50 -20.03 -13.32
N LEU A 77 31.92 -18.84 -13.46
CA LEU A 77 30.51 -18.72 -13.84
C LEU A 77 30.23 -19.11 -15.29
N SER A 78 31.29 -19.24 -16.10
CA SER A 78 31.13 -19.65 -17.51
C SER A 78 30.72 -21.11 -17.63
N ASP A 79 30.95 -21.88 -16.58
CA ASP A 79 30.58 -23.30 -16.56
C ASP A 79 29.08 -23.48 -16.27
N VAL A 80 28.27 -23.34 -17.31
CA VAL A 80 26.82 -23.47 -17.17
C VAL A 80 26.38 -24.92 -17.04
N ALA A 81 27.28 -25.85 -17.33
CA ALA A 81 26.99 -27.28 -17.15
C ALA A 81 27.07 -27.69 -15.67
N SER A 82 27.86 -26.98 -14.88
CA SER A 82 28.00 -27.27 -13.46
C SER A 82 27.29 -26.26 -12.57
N LEU A 83 26.90 -25.11 -13.14
CA LEU A 83 26.35 -24.02 -12.35
C LEU A 83 25.08 -23.42 -12.94
N ASP A 84 23.95 -23.75 -12.33
CA ASP A 84 22.62 -23.40 -12.85
C ASP A 84 22.10 -22.10 -12.24
N GLN A 85 21.59 -21.21 -13.09
CA GLN A 85 20.99 -19.96 -12.63
C GLN A 85 19.47 -20.08 -12.53
N THR A 86 18.89 -20.92 -13.38
CA THR A 86 17.44 -21.01 -13.56
C THR A 86 16.65 -21.40 -12.30
N SER A 87 17.16 -22.34 -11.51
CA SER A 87 16.41 -22.86 -10.36
C SER A 87 16.20 -21.82 -9.25
N TYR A 88 17.23 -21.03 -8.97
CA TYR A 88 17.09 -19.96 -7.98
C TYR A 88 16.22 -18.81 -8.50
N ALA A 89 16.32 -18.52 -9.79
CA ALA A 89 15.45 -17.53 -10.43
C ALA A 89 13.98 -17.92 -10.26
N GLN A 90 13.69 -19.21 -10.47
CA GLN A 90 12.35 -19.74 -10.28
C GLN A 90 11.86 -19.58 -8.83
N VAL A 91 12.76 -19.86 -7.87
CA VAL A 91 12.51 -19.63 -6.44
C VAL A 91 12.12 -18.18 -6.15
N LEU A 92 12.94 -17.24 -6.65
CA LEU A 92 12.68 -15.82 -6.46
C LEU A 92 11.37 -15.36 -7.11
N MET A 93 11.09 -15.81 -8.34
CA MET A 93 9.85 -15.36 -8.97
C MET A 93 8.60 -15.95 -8.30
N LYS A 94 8.73 -17.11 -7.66
CA LYS A 94 7.67 -17.67 -6.80
C LYS A 94 7.48 -16.82 -5.55
N ARG A 95 8.56 -16.59 -4.81
CA ARG A 95 8.50 -15.88 -3.53
C ARG A 95 8.19 -14.40 -3.61
N ILE A 96 8.78 -13.70 -4.58
CA ILE A 96 8.60 -12.25 -4.69
C ILE A 96 7.36 -11.93 -5.52
N PHE A 97 7.25 -12.57 -6.68
CA PHE A 97 6.28 -12.19 -7.70
C PHE A 97 5.06 -13.11 -7.76
N ASN A 98 5.03 -14.12 -6.90
CA ASN A 98 4.03 -15.20 -6.93
C ASN A 98 3.82 -15.77 -8.34
N MET A 99 4.93 -16.06 -9.02
CA MET A 99 4.91 -16.49 -10.41
C MET A 99 5.45 -17.90 -10.61
N ILE A 100 4.84 -18.64 -11.54
CA ILE A 100 5.38 -19.89 -12.05
C ILE A 100 5.26 -19.83 -13.56
N LEU A 101 6.34 -20.13 -14.27
CA LEU A 101 6.32 -20.19 -15.73
C LEU A 101 6.75 -21.57 -16.24
N PRO A 102 5.79 -22.49 -16.40
CA PRO A 102 6.04 -23.84 -16.90
C PRO A 102 6.35 -23.86 -18.40
N SER A 103 7.38 -24.63 -18.78
CA SER A 103 7.83 -24.78 -20.17
C SER A 103 8.32 -23.46 -20.78
N HIS A 104 8.96 -22.65 -19.94
CA HIS A 104 9.42 -21.33 -20.35
C HIS A 104 10.86 -21.37 -20.86
N ASN A 105 11.05 -20.85 -22.08
CA ASN A 105 12.38 -20.69 -22.66
C ASN A 105 13.03 -19.39 -22.19
N PRO A 106 14.08 -19.50 -21.35
CA PRO A 106 14.69 -18.30 -20.75
C PRO A 106 15.74 -17.63 -21.64
N GLU A 107 16.48 -18.43 -22.42
CA GLU A 107 17.54 -17.90 -23.28
C GLU A 107 17.02 -17.10 -24.48
N SER A 108 15.84 -17.45 -24.97
CA SER A 108 15.25 -16.77 -26.12
C SER A 108 14.79 -15.36 -25.76
N GLU A 109 14.33 -15.17 -24.52
CA GLU A 109 13.88 -13.85 -24.07
C GLU A 109 15.05 -12.97 -23.61
N LYS A 110 16.10 -13.61 -23.07
CA LYS A 110 17.36 -12.92 -22.76
C LYS A 110 18.07 -12.42 -24.02
N LYS A 111 17.97 -13.19 -25.11
CA LYS A 111 18.47 -12.74 -26.39
C LYS A 111 17.65 -11.59 -26.93
N ARG A 112 16.33 -11.60 -26.67
CA ARG A 112 15.48 -10.50 -27.08
C ARG A 112 15.80 -9.22 -26.32
N ALA A 113 16.12 -9.34 -25.03
CA ALA A 113 16.51 -8.19 -24.21
C ALA A 113 17.81 -7.55 -24.69
N GLU A 114 18.80 -8.38 -25.00
CA GLU A 114 20.07 -7.89 -25.54
C GLU A 114 19.83 -7.07 -26.80
N MET A 115 19.06 -7.61 -27.74
CA MET A 115 18.87 -6.96 -29.02
C MET A 115 18.00 -5.71 -28.92
N HIS A 116 16.92 -5.78 -28.14
CA HIS A 116 15.98 -4.66 -28.01
C HIS A 116 16.57 -3.43 -27.31
N PHE A 117 17.60 -3.64 -26.49
CA PHE A 117 18.20 -2.55 -25.72
C PHE A 117 19.58 -2.14 -26.24
N GLN A 118 19.89 -2.54 -27.48
CA GLN A 118 21.10 -2.08 -28.16
C GLN A 118 20.77 -1.60 -29.58
N GLY A 119 21.78 -1.06 -30.26
CA GLY A 119 21.66 -0.65 -31.67
C GLY A 119 20.54 0.31 -31.93
N ALA A 120 19.89 0.17 -33.08
CA ALA A 120 18.82 1.07 -33.51
C ALA A 120 17.60 1.02 -32.58
N SER A 121 17.30 -0.15 -32.02
CA SER A 121 16.25 -0.26 -31.00
C SER A 121 16.54 0.63 -29.78
N LEU A 122 17.79 0.63 -29.33
CA LEU A 122 18.19 1.50 -28.21
C LEU A 122 18.01 2.98 -28.51
N THR A 123 18.41 3.39 -29.71
CA THR A 123 18.31 4.79 -30.12
C THR A 123 16.85 5.26 -30.09
N GLN A 124 15.95 4.43 -30.64
CA GLN A 124 14.52 4.69 -30.60
C GLN A 124 14.00 4.81 -29.16
N LEU A 125 14.33 3.81 -28.34
CA LEU A 125 13.94 3.78 -26.93
C LEU A 125 14.44 5.02 -26.19
N SER A 126 15.71 5.35 -26.38
CA SER A 126 16.34 6.50 -25.73
C SER A 126 15.74 7.83 -26.17
N ASN A 127 15.41 7.95 -27.45
CA ASN A 127 14.72 9.14 -27.95
C ASN A 127 13.35 9.32 -27.27
N SER A 128 12.59 8.23 -27.16
CA SER A 128 11.30 8.24 -26.45
C SER A 128 11.44 8.59 -24.96
N MET A 129 12.45 8.00 -24.31
CA MET A 129 12.77 8.31 -22.92
C MET A 129 12.99 9.82 -22.72
N GLN A 130 13.80 10.42 -23.60
CA GLN A 130 14.07 11.87 -23.59
C GLN A 130 12.79 12.70 -23.70
N ASN A 131 11.91 12.30 -24.62
CA ASN A 131 10.62 12.93 -24.81
C ASN A 131 9.72 12.79 -23.57
N ASN A 132 9.67 11.59 -23.03
CA ASN A 132 8.83 11.29 -21.88
C ASN A 132 9.28 12.01 -20.62
N LEU A 133 10.59 12.04 -20.39
CA LEU A 133 11.13 12.79 -19.25
C LEU A 133 10.74 14.28 -19.34
N ARG A 134 10.83 14.86 -20.54
CA ARG A 134 10.42 16.26 -20.74
C ARG A 134 8.97 16.51 -20.33
N LEU A 135 8.09 15.58 -20.69
CA LEU A 135 6.68 15.65 -20.31
C LEU A 135 6.49 15.54 -18.80
N LEU A 136 7.40 14.84 -18.14
CA LEU A 136 7.31 14.60 -16.69
C LEU A 136 7.99 15.66 -15.83
N MET A 137 8.73 16.58 -16.46
CA MET A 137 9.47 17.60 -15.70
C MET A 137 8.99 19.03 -16.02
N THR A 138 7.77 19.08 -16.52
CA THR A 138 6.93 20.26 -16.63
C THR A 138 6.72 20.88 -15.23
N PRO A 139 6.56 22.22 -15.15
CA PRO A 139 6.29 22.85 -13.83
C PRO A 139 5.15 22.19 -13.07
N SER A 140 4.07 21.86 -13.79
CA SER A 140 2.91 21.18 -13.22
C SER A 140 3.26 19.81 -12.66
N GLU A 141 4.01 19.03 -13.45
CA GLU A 141 4.50 17.72 -13.04
C GLU A 141 5.48 17.81 -11.87
N MET A 142 6.24 18.89 -11.82
CA MET A 142 7.27 19.08 -10.80
C MET A 142 6.74 19.67 -9.49
N GLY A 143 5.43 19.88 -9.43
CA GLY A 143 4.76 20.43 -8.24
C GLY A 143 5.08 21.90 -8.00
N LEU A 144 5.23 22.67 -9.07
CA LEU A 144 5.67 24.06 -8.95
C LEU A 144 4.60 25.07 -9.37
N LYS A 145 3.35 24.79 -9.03
CA LYS A 145 2.21 25.65 -9.40
C LYS A 145 1.70 26.49 -8.23
N THR A 146 2.32 26.33 -7.07
CA THR A 146 1.87 26.98 -5.86
C THR A 146 2.89 28.01 -5.34
N SER A 147 4.16 27.78 -5.66
CA SER A 147 5.25 28.50 -5.00
C SER A 147 6.52 28.46 -5.83
N GLU A 148 7.50 29.27 -5.43
CA GLU A 148 8.79 29.32 -6.11
C GLU A 148 9.57 28.02 -5.90
N TRP A 149 9.63 27.57 -4.65
CA TRP A 149 10.37 26.38 -4.26
C TRP A 149 9.45 25.22 -3.94
N LYS A 150 9.90 24.01 -4.28
CA LYS A 150 9.20 22.80 -3.90
C LYS A 150 10.16 21.90 -3.14
N LYS A 151 9.72 21.42 -1.98
CA LYS A 151 10.50 20.51 -1.14
C LYS A 151 10.17 19.06 -1.45
N ASP A 152 11.20 18.24 -1.49
CA ASP A 152 11.04 16.80 -1.72
C ASP A 152 12.25 16.04 -1.16
N GLY A 153 12.11 14.73 -1.00
CA GLY A 153 13.27 13.89 -0.82
C GLY A 153 13.89 13.68 -2.19
N LEU A 154 15.21 13.79 -2.27
CA LEU A 154 15.91 13.61 -3.54
C LEU A 154 15.72 12.20 -4.10
N PHE A 155 15.76 11.19 -3.23
CA PHE A 155 15.57 9.81 -3.63
C PHE A 155 14.17 9.64 -4.20
N ASN A 156 13.19 10.13 -3.47
CA ASN A 156 11.80 10.07 -3.91
C ASN A 156 11.60 10.75 -5.27
N LEU A 157 12.21 11.93 -5.43
CA LEU A 157 12.13 12.69 -6.68
C LEU A 157 12.78 11.98 -7.88
N CYS A 158 14.02 11.54 -7.72
CA CYS A 158 14.73 10.84 -8.81
C CYS A 158 14.04 9.52 -9.18
N TYR A 159 13.62 8.76 -8.18
CA TYR A 159 12.93 7.49 -8.37
C TYR A 159 11.60 7.73 -9.11
N SER A 160 10.81 8.70 -8.64
CA SER A 160 9.55 9.05 -9.30
C SER A 160 9.70 9.39 -10.78
N LEU A 161 10.68 10.24 -11.09
CA LEU A 161 10.87 10.71 -12.47
C LEU A 161 11.34 9.61 -13.43
N LEU A 162 12.34 8.84 -13.01
CA LEU A 162 12.83 7.77 -13.87
C LEU A 162 11.93 6.55 -13.91
N PHE A 163 11.25 6.24 -12.82
CA PHE A 163 10.25 5.16 -12.84
C PHE A 163 9.18 5.50 -13.88
N LYS A 164 8.65 6.72 -13.80
CA LYS A 164 7.60 7.16 -14.70
C LYS A 164 8.09 7.23 -16.14
N THR A 165 9.30 7.75 -16.33
CA THR A 165 9.90 7.80 -17.67
C THR A 165 10.10 6.39 -18.26
N GLY A 166 10.67 5.49 -17.46
CA GLY A 166 10.97 4.15 -17.93
C GLY A 166 9.71 3.35 -18.18
N TYR A 167 8.72 3.50 -17.30
CA TYR A 167 7.44 2.84 -17.46
C TYR A 167 6.73 3.29 -18.75
N LEU A 168 6.62 4.60 -18.95
CA LEU A 168 6.00 5.13 -20.17
C LEU A 168 6.74 4.67 -21.43
N THR A 169 8.06 4.65 -21.36
CA THR A 169 8.90 4.29 -22.49
C THR A 169 8.85 2.79 -22.78
N VAL A 170 9.12 1.98 -21.76
CA VAL A 170 9.28 0.54 -21.96
C VAL A 170 7.94 -0.18 -22.12
N PHE A 171 6.92 0.26 -21.38
CA PHE A 171 5.59 -0.37 -21.43
C PHE A 171 4.65 0.34 -22.40
N GLY A 172 5.08 1.48 -22.94
CA GLY A 172 4.24 2.31 -23.82
C GLY A 172 2.89 2.62 -23.20
N ALA A 173 2.91 3.00 -21.92
CA ALA A 173 1.70 3.04 -21.10
C ALA A 173 1.06 4.42 -20.98
N GLU A 174 0.86 5.09 -22.12
CA GLU A 174 0.27 6.43 -22.15
C GLU A 174 -1.22 6.46 -21.78
N ASN A 175 -1.85 5.29 -21.70
CA ASN A 175 -3.23 5.17 -21.18
C ASN A 175 -3.39 5.68 -19.75
N ASN A 176 -2.27 5.75 -19.04
CA ASN A 176 -2.23 6.26 -17.68
C ASN A 176 -1.91 7.75 -17.68
N ASN A 177 -2.85 8.56 -17.17
CA ASN A 177 -2.62 10.01 -16.99
C ASN A 177 -1.67 10.30 -15.81
N SER A 178 -1.43 11.58 -15.53
CA SER A 178 -0.40 11.98 -14.54
C SER A 178 -0.66 11.44 -13.13
N ALA A 179 -1.90 11.60 -12.66
CA ALA A 179 -2.28 11.17 -11.33
C ALA A 179 -2.26 9.64 -11.24
N ALA A 180 -2.58 8.99 -12.36
CA ALA A 180 -2.54 7.52 -12.46
C ALA A 180 -1.11 6.99 -12.36
N LEU A 181 -0.17 7.68 -13.01
CA LEU A 181 1.25 7.32 -12.96
C LEU A 181 1.84 7.43 -11.55
N THR A 182 1.42 8.46 -10.82
CA THR A 182 1.79 8.64 -9.44
C THR A 182 1.25 7.53 -8.55
N GLN A 183 -0.01 7.16 -8.75
CA GLN A 183 -0.59 6.04 -8.02
C GLN A 183 0.20 4.73 -8.24
N ILE A 184 0.48 4.43 -9.51
CA ILE A 184 1.25 3.24 -9.90
C ILE A 184 2.65 3.23 -9.27
N TYR A 185 3.33 4.39 -9.33
CA TYR A 185 4.67 4.56 -8.75
C TYR A 185 4.66 4.33 -7.23
N GLU A 186 3.67 4.91 -6.54
CA GLU A 186 3.58 4.78 -5.09
C GLU A 186 3.28 3.35 -4.67
N GLU A 187 2.50 2.63 -5.46
CA GLU A 187 2.21 1.23 -5.18
C GLU A 187 3.43 0.35 -5.46
N PHE A 188 4.16 0.69 -6.51
CA PHE A 188 5.41 0.00 -6.85
C PHE A 188 6.44 0.16 -5.73
N ARG A 189 6.57 1.38 -5.19
CA ARG A 189 7.44 1.66 -4.04
C ARG A 189 7.08 0.84 -2.80
N ARG A 190 5.78 0.74 -2.51
CA ARG A 190 5.24 -0.12 -1.45
C ARG A 190 5.70 -1.58 -1.59
N PHE A 191 5.51 -2.13 -2.79
CA PHE A 191 5.98 -3.48 -3.11
C PHE A 191 7.51 -3.60 -3.07
N ASP A 192 8.19 -2.70 -3.78
CA ASP A 192 9.65 -2.68 -3.87
C ASP A 192 10.31 -2.64 -2.49
N LYS A 193 9.75 -1.85 -1.57
CA LYS A 193 10.28 -1.75 -0.20
C LYS A 193 10.32 -3.10 0.53
N LEU A 194 9.34 -3.95 0.24
CA LEU A 194 9.19 -5.24 0.90
C LEU A 194 9.76 -6.42 0.11
N LEU A 195 10.24 -6.15 -1.10
CA LEU A 195 10.76 -7.19 -1.98
C LEU A 195 11.89 -8.06 -1.35
N PRO A 196 12.88 -7.44 -0.69
CA PRO A 196 13.94 -8.25 -0.06
C PRO A 196 13.42 -9.18 1.02
N LYS A 197 12.50 -8.68 1.84
CA LYS A 197 11.83 -9.49 2.86
C LYS A 197 11.00 -10.64 2.28
N LEU A 198 10.35 -10.40 1.14
CA LEU A 198 9.66 -11.46 0.40
C LEU A 198 10.64 -12.52 -0.10
N ALA A 199 11.78 -12.08 -0.62
CA ALA A 199 12.79 -12.99 -1.16
C ALA A 199 13.39 -13.86 -0.07
N ARG A 200 13.46 -13.30 1.13
CA ARG A 200 14.11 -13.94 2.25
C ARG A 200 13.14 -14.62 3.21
N THR A 201 11.85 -14.56 2.90
CA THR A 201 10.76 -15.07 3.76
C THR A 201 10.78 -14.46 5.18
N THR A 202 11.05 -13.15 5.26
CA THR A 202 11.19 -12.46 6.54
C THR A 202 10.07 -11.41 6.78
N VAL A 203 9.04 -11.46 5.95
CA VAL A 203 7.88 -10.59 6.17
C VAL A 203 7.05 -11.07 7.35
N ASN A 204 6.69 -10.14 8.23
CA ASN A 204 5.68 -10.42 9.26
C ASN A 204 4.29 -10.43 8.62
N LYS A 205 3.25 -10.63 9.42
CA LYS A 205 1.88 -10.79 8.89
C LYS A 205 1.33 -9.52 8.24
N GLU A 206 1.58 -8.37 8.85
CA GLU A 206 1.12 -7.10 8.29
C GLU A 206 1.84 -6.77 6.98
N GLU A 207 3.15 -7.02 6.93
CA GLU A 207 3.96 -6.80 5.73
C GLU A 207 3.56 -7.72 4.59
N LYS A 208 3.25 -8.98 4.93
CA LYS A 208 2.80 -9.95 3.94
C LYS A 208 1.49 -9.52 3.31
N GLN A 209 0.59 -8.97 4.13
CA GLN A 209 -0.70 -8.46 3.67
C GLN A 209 -0.52 -7.26 2.74
N ILE A 210 0.39 -6.37 3.12
CA ILE A 210 0.68 -5.15 2.34
C ILE A 210 1.28 -5.49 0.98
N ALA A 211 2.22 -6.43 0.98
CA ALA A 211 2.92 -6.85 -0.25
C ALA A 211 1.93 -7.49 -1.22
N SER A 212 1.09 -8.37 -0.70
CA SER A 212 0.08 -9.06 -1.48
C SER A 212 -0.98 -8.11 -2.03
N ALA A 213 -1.37 -7.12 -1.22
CA ALA A 213 -2.33 -6.11 -1.63
C ALA A 213 -1.74 -5.23 -2.74
N ALA A 214 -0.48 -4.85 -2.57
CA ALA A 214 0.26 -4.06 -3.55
C ALA A 214 0.43 -4.76 -4.89
N ARG A 215 0.83 -6.03 -4.85
CA ARG A 215 0.98 -6.85 -6.06
C ARG A 215 -0.32 -6.94 -6.86
N GLU A 216 -1.43 -7.19 -6.17
CA GLU A 216 -2.73 -7.34 -6.81
C GLU A 216 -3.17 -6.07 -7.55
N LYS A 217 -2.92 -4.92 -6.94
CA LYS A 217 -3.24 -3.63 -7.56
C LYS A 217 -2.39 -3.44 -8.81
N LEU A 218 -1.10 -3.70 -8.68
CA LEU A 218 -0.17 -3.60 -9.81
C LEU A 218 -0.49 -4.58 -10.94
N TRP A 219 -0.90 -5.80 -10.60
CA TRP A 219 -1.31 -6.78 -11.63
C TRP A 219 -2.46 -6.26 -12.47
N LYS A 220 -3.45 -5.66 -11.79
CA LYS A 220 -4.59 -5.05 -12.46
C LYS A 220 -4.19 -3.84 -13.32
N TRP A 221 -3.39 -2.93 -12.76
CA TRP A 221 -3.08 -1.65 -13.41
C TRP A 221 -2.10 -1.75 -14.58
N LEU A 222 -1.18 -2.71 -14.53
CA LEU A 222 -0.14 -2.82 -15.56
C LEU A 222 -0.62 -3.51 -16.83
N THR A 223 -1.78 -4.15 -16.73
CA THR A 223 -2.43 -4.77 -17.89
C THR A 223 -3.79 -4.08 -18.04
N PRO A 224 -3.92 -3.17 -19.04
CA PRO A 224 -5.18 -2.45 -19.18
C PRO A 224 -6.26 -3.30 -19.88
N SER A 225 -6.81 -4.25 -19.14
CA SER A 225 -7.73 -5.27 -19.68
C SER A 225 -8.96 -4.68 -20.37
N GLY A 226 -9.51 -3.63 -19.76
CA GLY A 226 -10.73 -2.99 -20.26
C GLY A 226 -10.58 -2.34 -21.63
N LEU A 227 -9.35 -2.08 -22.03
CA LEU A 227 -9.06 -1.35 -23.27
C LEU A 227 -8.68 -2.28 -24.43
N ASP A 228 -8.98 -1.85 -25.64
CA ASP A 228 -8.63 -2.61 -26.84
C ASP A 228 -7.36 -2.05 -27.51
N ARG A 229 -6.26 -2.01 -26.76
CA ARG A 229 -4.98 -1.64 -27.37
C ARG A 229 -4.34 -2.85 -28.06
N LYS A 230 -4.26 -2.77 -29.39
CA LYS A 230 -3.68 -3.82 -30.21
C LYS A 230 -2.24 -4.10 -29.79
N PRO A 231 -1.90 -5.38 -29.55
CA PRO A 231 -0.56 -5.71 -29.06
C PRO A 231 0.53 -5.30 -30.05
N ARG A 232 1.60 -4.68 -29.55
CA ARG A 232 2.79 -4.42 -30.34
C ARG A 232 3.74 -5.59 -30.15
N GLU A 233 3.53 -6.64 -30.94
CA GLU A 233 4.23 -7.90 -30.78
C GLU A 233 5.69 -7.84 -31.24
N GLN A 234 6.08 -6.73 -31.86
CA GLN A 234 7.47 -6.52 -32.30
C GLN A 234 8.27 -5.70 -31.29
N SER A 235 7.58 -5.10 -30.31
CA SER A 235 8.22 -4.38 -29.22
C SER A 235 8.86 -5.37 -28.26
N TRP A 236 9.72 -4.87 -27.37
CA TRP A 236 10.35 -5.74 -26.36
C TRP A 236 9.32 -6.42 -25.46
N LEU A 237 8.43 -5.64 -24.86
CA LEU A 237 7.45 -6.18 -23.93
C LEU A 237 6.36 -6.99 -24.63
N GLY A 238 5.92 -6.53 -25.81
CA GLY A 238 4.90 -7.24 -26.57
C GLY A 238 5.35 -8.60 -27.06
N SER A 239 6.60 -8.72 -27.48
CA SER A 239 7.17 -9.99 -27.93
C SER A 239 7.36 -10.95 -26.76
N TYR A 240 7.64 -10.40 -25.58
CA TYR A 240 7.69 -11.19 -24.35
C TYR A 240 6.32 -11.76 -23.98
N VAL A 241 5.29 -10.92 -23.99
CA VAL A 241 3.90 -11.34 -23.75
C VAL A 241 3.46 -12.39 -24.78
N LYS A 242 3.75 -12.12 -26.05
CA LYS A 242 3.43 -13.06 -27.14
C LYS A 242 4.10 -14.43 -26.92
N GLN A 243 5.32 -14.44 -26.37
CA GLN A 243 6.01 -15.70 -26.06
C GLN A 243 5.28 -16.48 -24.97
N LEU A 244 4.92 -15.80 -23.88
CA LEU A 244 4.19 -16.44 -22.79
C LEU A 244 2.87 -17.03 -23.27
N GLN A 245 2.16 -16.28 -24.11
CA GLN A 245 0.91 -16.74 -24.70
C GLN A 245 1.09 -18.01 -25.54
N ASP A 246 2.17 -18.05 -26.34
CA ASP A 246 2.49 -19.22 -27.17
C ASP A 246 2.96 -20.42 -26.35
N GLU A 247 3.55 -20.16 -25.18
CA GLU A 247 3.98 -21.22 -24.26
C GLU A 247 2.84 -21.77 -23.39
N GLY A 248 1.63 -21.24 -23.56
CA GLY A 248 0.46 -21.73 -22.83
C GLY A 248 0.27 -21.13 -21.45
N ILE A 249 0.90 -19.99 -21.21
CA ILE A 249 0.79 -19.26 -19.95
C ILE A 249 -0.53 -18.48 -19.92
N ASP A 250 -1.33 -18.70 -18.89
CA ASP A 250 -2.67 -18.09 -18.83
C ASP A 250 -2.66 -16.58 -18.60
N ALA A 251 -3.80 -15.93 -18.85
CA ALA A 251 -3.94 -14.48 -18.76
C ALA A 251 -3.48 -13.95 -17.41
N GLU A 252 -3.85 -14.65 -16.34
CA GLU A 252 -3.52 -14.20 -14.98
C GLU A 252 -2.01 -14.14 -14.75
N MET A 253 -1.30 -15.17 -15.17
CA MET A 253 0.15 -15.22 -15.02
C MET A 253 0.85 -14.20 -15.94
N GLN A 254 0.21 -13.88 -17.07
CA GLN A 254 0.67 -12.81 -17.94
C GLN A 254 0.61 -11.46 -17.21
N ARG A 255 -0.47 -11.22 -16.47
CA ARG A 255 -0.59 -10.03 -15.64
C ARG A 255 0.50 -9.96 -14.57
N ARG A 256 0.79 -11.10 -13.93
CA ARG A 256 1.81 -11.16 -12.88
C ARG A 256 3.22 -10.92 -13.41
N ALA A 257 3.47 -11.40 -14.63
CA ALA A 257 4.76 -11.23 -15.30
C ALA A 257 5.11 -9.77 -15.57
N MET A 258 4.08 -8.93 -15.74
CA MET A 258 4.27 -7.48 -15.97
C MET A 258 4.94 -6.78 -14.79
N LEU A 259 4.62 -7.23 -13.57
CA LEU A 259 5.29 -6.68 -12.39
C LEU A 259 6.75 -7.11 -12.31
N LEU A 260 7.04 -8.36 -12.67
CA LEU A 260 8.42 -8.82 -12.78
C LEU A 260 9.21 -7.93 -13.75
N GLN A 261 8.69 -7.76 -14.96
CA GLN A 261 9.35 -6.94 -15.97
C GLN A 261 9.43 -5.46 -15.59
N LEU A 262 8.44 -4.97 -14.85
CA LEU A 262 8.48 -3.59 -14.32
C LEU A 262 9.63 -3.43 -13.32
N TRP A 263 9.77 -4.39 -12.39
CA TRP A 263 10.84 -4.30 -11.39
C TRP A 263 12.23 -4.38 -12.03
N VAL A 264 12.37 -5.33 -12.95
CA VAL A 264 13.63 -5.57 -13.65
C VAL A 264 14.08 -4.35 -14.45
N THR A 265 13.13 -3.62 -15.01
CA THR A 265 13.47 -2.45 -15.83
C THR A 265 13.45 -1.11 -15.09
N GLN A 266 12.75 -1.03 -13.94
CA GLN A 266 12.55 0.25 -13.23
C GLN A 266 13.10 0.32 -11.82
N GLY A 267 13.64 -0.78 -11.30
CA GLY A 267 14.06 -0.84 -9.89
C GLY A 267 15.41 -0.26 -9.55
N ASN A 268 16.18 0.13 -10.58
CA ASN A 268 17.60 0.48 -10.40
C ASN A 268 18.00 1.88 -10.86
N ALA A 269 17.44 2.33 -11.99
CA ALA A 269 17.94 3.56 -12.64
C ALA A 269 17.71 4.82 -11.80
N GLY A 270 16.49 4.99 -11.30
CA GLY A 270 16.13 6.13 -10.45
C GLY A 270 16.89 6.19 -9.14
N PRO A 271 16.92 5.06 -8.39
CA PRO A 271 17.83 4.99 -7.25
C PRO A 271 19.29 5.37 -7.59
N ALA A 272 19.82 4.88 -8.70
CA ALA A 272 21.20 5.22 -9.12
C ALA A 272 21.35 6.72 -9.38
N ALA A 273 20.38 7.31 -10.05
CA ALA A 273 20.36 8.75 -10.30
C ALA A 273 20.33 9.54 -9.00
N PHE A 274 19.59 9.06 -8.01
CA PHE A 274 19.58 9.67 -6.68
C PHE A 274 20.99 9.77 -6.11
N TRP A 275 21.74 8.67 -6.17
CA TRP A 275 23.07 8.64 -5.54
C TRP A 275 24.02 9.58 -6.29
N VAL A 276 23.96 9.57 -7.62
CA VAL A 276 24.71 10.53 -8.43
C VAL A 276 24.47 11.97 -7.97
N MET A 277 23.20 12.35 -7.87
CA MET A 277 22.80 13.70 -7.44
C MET A 277 23.17 13.97 -5.99
N GLY A 278 23.01 12.95 -5.14
CA GLY A 278 23.40 13.03 -3.73
C GLY A 278 24.89 13.30 -3.57
N TYR A 279 25.70 12.47 -4.20
CA TYR A 279 27.14 12.67 -4.17
C TYR A 279 27.58 14.03 -4.73
N LEU A 280 27.01 14.41 -5.87
CA LEU A 280 27.32 15.72 -6.48
C LEU A 280 26.95 16.91 -5.60
N LEU A 281 25.74 16.89 -5.04
CA LEU A 281 25.27 17.98 -4.17
C LEU A 281 26.08 18.10 -2.88
N THR A 282 26.75 17.01 -2.49
CA THR A 282 27.51 16.97 -1.24
C THR A 282 29.02 17.02 -1.50
N HIS A 283 29.41 17.16 -2.77
CA HIS A 283 30.81 17.27 -3.16
C HIS A 283 30.99 18.40 -4.16
N PRO A 284 31.27 19.63 -3.64
CA PRO A 284 31.31 20.85 -4.44
C PRO A 284 32.24 20.77 -5.66
N GLU A 285 33.44 20.24 -5.47
CA GLU A 285 34.43 20.12 -6.55
C GLU A 285 33.95 19.19 -7.67
N ALA A 286 33.35 18.07 -7.29
CA ALA A 286 32.72 17.16 -8.23
C ALA A 286 31.62 17.88 -9.03
N LEU A 287 30.70 18.55 -8.34
CA LEU A 287 29.60 19.28 -8.99
C LEU A 287 30.08 20.39 -9.94
N ARG A 288 31.18 21.03 -9.59
CA ARG A 288 31.74 22.12 -10.39
C ARG A 288 32.31 21.59 -11.70
N ALA A 289 33.05 20.49 -11.61
CA ALA A 289 33.60 19.83 -12.79
C ALA A 289 32.51 19.28 -13.70
N VAL A 290 31.43 18.78 -13.10
CA VAL A 290 30.29 18.28 -13.86
C VAL A 290 29.53 19.41 -14.57
N ARG A 291 29.19 20.45 -13.81
CA ARG A 291 28.49 21.62 -14.37
C ARG A 291 29.32 22.30 -15.47
N GLU A 292 30.62 22.48 -15.20
CA GLU A 292 31.57 22.98 -16.20
C GLU A 292 31.52 22.16 -17.50
N GLU A 293 31.41 20.85 -17.37
CA GLU A 293 31.40 19.94 -18.51
C GLU A 293 30.10 20.04 -19.33
N ILE A 294 29.02 20.42 -18.67
CA ILE A 294 27.73 20.66 -19.33
C ILE A 294 27.79 21.92 -20.20
N GLN A 295 28.45 22.96 -19.69
CA GLN A 295 28.56 24.27 -20.37
C GLN A 295 29.17 24.14 -21.76
N ASN A 308 30.88 13.64 -25.55
CA ASN A 308 31.82 13.02 -24.64
C ASN A 308 31.86 13.74 -23.30
N THR A 309 31.59 12.98 -22.23
CA THR A 309 31.50 13.55 -20.89
C THR A 309 32.37 12.78 -19.89
N PRO A 310 33.71 12.89 -20.02
CA PRO A 310 34.67 12.09 -19.23
C PRO A 310 34.48 12.21 -17.72
N VAL A 311 34.25 13.42 -17.23
CA VAL A 311 34.06 13.66 -15.80
C VAL A 311 32.80 12.96 -15.31
N PHE A 312 31.66 13.24 -15.94
CA PHE A 312 30.41 12.62 -15.52
C PHE A 312 30.47 11.09 -15.59
N ASP A 313 31.18 10.58 -16.59
CA ASP A 313 31.35 9.14 -16.74
C ASP A 313 32.06 8.55 -15.52
N SER A 314 33.07 9.25 -15.03
CA SER A 314 33.79 8.83 -13.83
C SER A 314 32.88 8.93 -12.62
N VAL A 315 32.14 10.04 -12.52
CA VAL A 315 31.16 10.25 -11.45
C VAL A 315 30.14 9.09 -11.39
N LEU A 316 29.57 8.75 -12.54
CA LEU A 316 28.58 7.67 -12.61
C LEU A 316 29.21 6.31 -12.27
N TRP A 317 30.39 6.05 -12.80
CA TRP A 317 31.10 4.80 -12.51
C TRP A 317 31.46 4.68 -11.01
N GLU A 318 31.89 5.78 -10.41
CA GLU A 318 32.17 5.82 -8.97
C GLU A 318 30.90 5.58 -8.12
N THR A 319 29.80 6.20 -8.54
CA THR A 319 28.50 6.00 -7.90
C THR A 319 28.07 4.53 -7.97
N LEU A 320 28.22 3.90 -9.12
CA LEU A 320 27.89 2.49 -9.29
C LEU A 320 28.81 1.58 -8.48
N ARG A 321 30.08 1.95 -8.36
CA ARG A 321 31.03 1.20 -7.52
C ARG A 321 30.49 1.13 -6.09
N LEU A 322 30.04 2.28 -5.58
CA LEU A 322 29.53 2.38 -4.22
C LEU A 322 28.14 1.80 -3.96
N THR A 323 27.33 1.62 -5.00
CA THR A 323 25.90 1.35 -4.81
C THR A 323 25.27 0.20 -5.59
N ALA A 324 26.00 -0.36 -6.55
CA ALA A 324 25.49 -1.50 -7.33
C ALA A 324 25.86 -2.78 -6.59
N ALA A 325 24.86 -3.44 -6.04
CA ALA A 325 25.09 -4.53 -5.10
C ALA A 325 24.21 -5.74 -5.38
N ALA A 326 24.15 -6.15 -6.64
CA ALA A 326 23.46 -7.38 -6.99
C ALA A 326 24.32 -8.58 -6.60
N LEU A 327 23.68 -9.57 -5.99
CA LEU A 327 24.32 -10.82 -5.65
C LEU A 327 24.09 -11.82 -6.79
N ILE A 328 25.14 -12.54 -7.16
CA ILE A 328 25.06 -13.55 -8.20
C ILE A 328 24.93 -14.91 -7.52
N THR A 329 23.91 -15.68 -7.89
CA THR A 329 23.62 -16.96 -7.27
C THR A 329 23.52 -18.08 -8.30
N ARG A 330 24.16 -19.22 -8.01
CA ARG A 330 24.06 -20.42 -8.84
C ARG A 330 23.79 -21.65 -7.96
N ASP A 331 23.10 -22.62 -8.54
CA ASP A 331 23.03 -23.95 -7.95
C ASP A 331 24.14 -24.81 -8.53
N VAL A 332 24.90 -25.46 -7.66
CA VAL A 332 25.97 -26.36 -8.08
C VAL A 332 25.36 -27.72 -8.43
N THR A 333 25.33 -28.02 -9.73
CA THR A 333 24.63 -29.21 -10.24
C THR A 333 25.53 -30.43 -10.35
N GLN A 334 26.84 -30.21 -10.29
CA GLN A 334 27.82 -31.29 -10.19
C GLN A 334 29.10 -30.78 -9.53
N ASP A 335 29.82 -31.67 -8.87
CA ASP A 335 31.09 -31.35 -8.21
C ASP A 335 32.00 -30.61 -9.18
N LYS A 336 32.64 -29.55 -8.70
CA LYS A 336 33.46 -28.69 -9.55
C LYS A 336 34.71 -28.24 -8.84
N LYS A 337 35.86 -28.50 -9.47
CA LYS A 337 37.14 -28.01 -8.97
C LYS A 337 37.40 -26.62 -9.50
N ILE A 338 37.92 -25.77 -8.63
CA ILE A 338 38.17 -24.38 -8.92
C ILE A 338 39.53 -23.93 -8.39
N CYS A 339 40.18 -23.00 -9.10
CA CYS A 339 41.45 -22.45 -8.63
C CYS A 339 41.37 -20.95 -8.44
N LEU A 340 41.75 -20.49 -7.25
CA LEU A 340 41.89 -19.07 -6.99
C LEU A 340 43.18 -18.55 -7.62
N SER A 341 43.35 -17.22 -7.61
CA SER A 341 44.47 -16.58 -8.29
C SER A 341 45.84 -16.99 -7.75
N ASN A 342 45.90 -17.32 -6.45
CA ASN A 342 47.14 -17.84 -5.86
C ASN A 342 47.46 -19.30 -6.22
N GLY A 343 46.55 -19.95 -6.92
CA GLY A 343 46.76 -21.30 -7.44
C GLY A 343 46.16 -22.39 -6.56
N GLN A 344 45.65 -22.00 -5.39
CA GLN A 344 45.01 -22.96 -4.50
C GLN A 344 43.71 -23.48 -5.09
N GLU A 345 43.51 -24.79 -4.96
CA GLU A 345 42.38 -25.48 -5.57
C GLU A 345 41.31 -25.74 -4.50
N TYR A 346 40.06 -25.45 -4.86
CA TYR A 346 38.91 -25.69 -3.99
C TYR A 346 37.87 -26.51 -4.71
N HIS A 347 37.15 -27.34 -3.96
CA HIS A 347 36.09 -28.17 -4.50
C HIS A 347 34.70 -27.66 -4.11
N LEU A 348 33.88 -27.39 -5.12
CA LEU A 348 32.44 -27.10 -4.94
C LEU A 348 31.65 -28.38 -4.97
N ARG A 349 30.70 -28.51 -4.05
CA ARG A 349 29.93 -29.74 -3.88
C ARG A 349 28.53 -29.66 -4.51
N ARG A 350 28.17 -30.69 -5.27
CA ARG A 350 26.84 -30.80 -5.89
C ARG A 350 25.76 -30.64 -4.83
N GLY A 351 24.71 -29.88 -5.13
CA GLY A 351 23.62 -29.65 -4.18
C GLY A 351 23.79 -28.38 -3.36
N ASP A 352 25.01 -27.83 -3.35
CA ASP A 352 25.26 -26.55 -2.70
C ASP A 352 24.86 -25.39 -3.61
N ARG A 353 24.91 -24.18 -3.06
CA ARG A 353 24.81 -22.97 -3.86
C ARG A 353 26.16 -22.25 -3.95
N LEU A 354 26.38 -21.56 -5.06
CA LEU A 354 27.53 -20.69 -5.22
C LEU A 354 27.04 -19.25 -5.30
N CYS A 355 27.62 -18.38 -4.47
CA CYS A 355 27.40 -16.94 -4.59
C CYS A 355 28.67 -16.19 -4.94
N VAL A 356 28.50 -15.15 -5.75
CA VAL A 356 29.56 -14.22 -6.12
C VAL A 356 29.04 -12.81 -5.82
N PHE A 357 29.81 -12.02 -5.08
CA PHE A 357 29.37 -10.68 -4.64
C PHE A 357 30.40 -9.61 -5.01
N PRO A 358 30.34 -9.11 -6.26
CA PRO A 358 31.32 -8.10 -6.71
C PRO A 358 31.34 -6.83 -5.87
N PHE A 359 30.23 -6.52 -5.18
CA PHE A 359 30.19 -5.36 -4.30
C PHE A 359 31.34 -5.39 -3.28
N ILE A 360 31.59 -6.54 -2.67
CA ILE A 360 32.66 -6.66 -1.68
C ILE A 360 34.06 -6.66 -2.31
N SER A 361 34.24 -7.47 -3.35
CA SER A 361 35.44 -7.40 -4.16
C SER A 361 35.05 -7.61 -5.62
N PRO A 362 35.51 -6.71 -6.52
CA PRO A 362 36.50 -5.63 -6.33
C PRO A 362 36.00 -4.29 -5.79
N GLN A 363 34.69 -4.04 -5.81
CA GLN A 363 34.16 -2.67 -5.65
C GLN A 363 34.50 -1.98 -4.34
N MET A 364 34.34 -2.68 -3.22
CA MET A 364 34.63 -2.13 -1.90
C MET A 364 35.93 -2.67 -1.30
N ASP A 365 36.78 -3.21 -2.16
CA ASP A 365 38.02 -3.86 -1.72
C ASP A 365 39.12 -2.84 -1.53
N PRO A 366 39.55 -2.60 -0.26
CA PRO A 366 40.54 -1.55 0.00
C PRO A 366 41.92 -1.81 -0.61
N GLN A 367 42.19 -3.05 -1.01
CA GLN A 367 43.45 -3.40 -1.67
C GLN A 367 43.41 -3.08 -3.17
N ILE A 368 42.22 -2.76 -3.68
CA ILE A 368 42.06 -2.33 -5.07
C ILE A 368 41.75 -0.84 -5.15
N HIS A 369 40.82 -0.37 -4.33
CA HIS A 369 40.40 1.02 -4.30
C HIS A 369 40.65 1.60 -2.91
N GLN A 370 41.61 2.53 -2.81
CA GLN A 370 41.93 3.11 -1.50
C GLN A 370 40.76 3.94 -0.98
N GLN A 371 40.57 3.91 0.33
CA GLN A 371 39.39 4.50 0.97
C GLN A 371 38.12 4.17 0.16
N PRO A 372 37.73 2.88 0.12
CA PRO A 372 36.64 2.43 -0.77
C PRO A 372 35.26 2.95 -0.37
N GLU A 373 35.08 3.34 0.89
CA GLU A 373 33.82 3.92 1.35
C GLU A 373 33.69 5.41 0.99
N MET A 374 34.74 5.99 0.41
CA MET A 374 34.72 7.39 0.00
C MET A 374 34.35 7.56 -1.47
N PHE A 375 33.43 8.50 -1.73
CA PHE A 375 33.14 8.96 -3.08
C PHE A 375 34.27 9.87 -3.60
N GLN A 376 35.09 9.33 -4.51
CA GLN A 376 36.11 10.11 -5.19
C GLN A 376 35.70 10.25 -6.64
N PHE A 377 35.26 11.46 -7.02
CA PHE A 377 34.61 11.67 -8.32
C PHE A 377 35.50 11.35 -9.50
N ASP A 378 36.81 11.53 -9.31
CA ASP A 378 37.80 11.31 -10.36
C ASP A 378 38.59 10.01 -10.18
N ARG A 379 38.00 9.04 -9.47
CA ARG A 379 38.68 7.78 -9.18
C ARG A 379 38.99 6.99 -10.44
N PHE A 380 38.19 7.20 -11.49
CA PHE A 380 38.42 6.51 -12.75
C PHE A 380 38.96 7.44 -13.84
N LEU A 381 39.58 8.55 -13.40
CA LEU A 381 40.24 9.50 -14.31
C LEU A 381 41.73 9.63 -14.02
N ASN A 382 42.54 9.62 -15.08
CA ASN A 382 43.95 9.92 -14.98
C ASN A 382 44.21 11.42 -14.73
N ALA A 383 45.49 11.79 -14.62
CA ALA A 383 45.88 13.19 -14.38
C ALA A 383 45.41 14.13 -15.50
N ASP A 384 45.54 13.68 -16.74
CA ASP A 384 45.12 14.45 -17.91
C ASP A 384 43.65 14.21 -18.28
N ARG A 385 42.86 13.78 -17.30
CA ARG A 385 41.43 13.47 -17.44
C ARG A 385 41.07 12.44 -18.53
N THR A 386 42.03 11.57 -18.83
CA THR A 386 41.76 10.38 -19.65
C THR A 386 41.23 9.28 -18.73
N GLU A 387 40.66 8.23 -19.31
CA GLU A 387 40.10 7.12 -18.54
C GLU A 387 41.18 6.29 -17.85
N LYS A 388 41.12 6.23 -16.53
CA LYS A 388 42.00 5.35 -15.76
C LYS A 388 41.51 3.91 -15.88
N LYS A 389 42.41 3.04 -16.36
CA LYS A 389 42.09 1.63 -16.59
C LYS A 389 42.98 0.70 -15.75
N ASP A 390 44.05 1.27 -15.21
CA ASP A 390 45.06 0.52 -14.47
C ASP A 390 44.70 0.38 -13.00
N PHE A 391 44.34 -0.86 -12.61
CA PHE A 391 43.97 -1.18 -11.24
C PHE A 391 44.59 -2.52 -10.85
N PHE A 392 45.10 -2.58 -9.61
CA PHE A 392 45.89 -3.72 -9.15
C PHE A 392 45.51 -4.19 -7.75
N LYS A 393 45.73 -5.47 -7.48
CA LYS A 393 45.63 -6.03 -6.14
C LYS A 393 46.87 -6.87 -5.83
N ASN A 394 47.61 -6.46 -4.80
CA ASN A 394 48.86 -7.11 -4.38
C ASN A 394 49.87 -7.40 -5.50
N GLY A 395 49.88 -6.54 -6.52
CA GLY A 395 50.81 -6.69 -7.65
C GLY A 395 50.27 -7.54 -8.78
N ALA A 396 48.96 -7.46 -9.00
CA ALA A 396 48.28 -8.20 -10.07
C ALA A 396 47.17 -7.34 -10.67
N ARG A 397 47.15 -7.28 -12.00
CA ARG A 397 46.15 -6.51 -12.76
C ARG A 397 44.74 -7.04 -12.47
N VAL A 398 43.81 -6.11 -12.30
CA VAL A 398 42.40 -6.45 -12.10
C VAL A 398 41.65 -6.05 -13.37
N LYS A 399 41.15 -7.05 -14.09
CA LYS A 399 40.51 -6.85 -15.38
C LYS A 399 39.25 -5.99 -15.30
N TYR A 400 38.43 -6.21 -14.28
CA TYR A 400 37.22 -5.41 -14.05
C TYR A 400 37.21 -4.85 -12.63
N PRO A 401 37.73 -3.61 -12.43
CA PRO A 401 37.77 -2.99 -11.10
C PRO A 401 36.40 -2.66 -10.49
N SER A 402 35.35 -2.77 -11.30
CA SER A 402 33.99 -2.56 -10.84
C SER A 402 33.09 -3.39 -11.73
N VAL A 403 32.06 -3.98 -11.13
CA VAL A 403 31.24 -4.96 -11.84
C VAL A 403 29.74 -4.66 -11.67
N PRO A 404 29.30 -3.41 -11.90
CA PRO A 404 27.91 -3.05 -11.55
C PRO A 404 26.82 -3.79 -12.33
N TRP A 405 27.12 -4.13 -13.60
CA TRP A 405 26.17 -4.72 -14.53
C TRP A 405 26.17 -6.25 -14.49
N GLY A 406 27.00 -6.82 -13.61
CA GLY A 406 27.17 -8.27 -13.59
C GLY A 406 28.45 -8.72 -14.28
N THR A 407 28.67 -10.02 -14.24
CA THR A 407 29.86 -10.67 -14.79
C THR A 407 29.78 -10.77 -16.33
N GLU A 408 30.95 -10.88 -16.99
CA GLU A 408 31.07 -10.61 -18.43
C GLU A 408 30.10 -11.36 -19.37
N ASP A 409 29.70 -12.56 -19.01
CA ASP A 409 28.76 -13.34 -19.82
C ASP A 409 27.29 -13.14 -19.42
N ASN A 410 27.07 -12.47 -18.29
CA ASN A 410 25.72 -12.20 -17.79
C ASN A 410 25.53 -10.72 -17.44
N LEU A 411 25.68 -9.86 -18.44
CA LEU A 411 25.57 -8.43 -18.27
C LEU A 411 24.13 -7.96 -18.33
N CYS A 412 23.80 -6.95 -17.51
CA CYS A 412 22.54 -6.23 -17.66
C CYS A 412 22.32 -5.81 -19.12
N PRO A 413 21.25 -6.32 -19.76
CA PRO A 413 21.04 -5.92 -21.15
C PRO A 413 20.58 -4.47 -21.26
N GLY A 414 20.04 -3.91 -20.17
CA GLY A 414 19.52 -2.55 -20.18
C GLY A 414 20.54 -1.47 -19.83
N ARG A 415 21.79 -1.87 -19.61
CA ARG A 415 22.84 -0.98 -19.09
C ARG A 415 23.05 0.29 -19.90
N HIS A 416 23.04 0.18 -21.23
CA HIS A 416 23.26 1.36 -22.07
C HIS A 416 22.09 2.34 -21.92
N PHE A 417 20.88 1.78 -21.89
CA PHE A 417 19.66 2.56 -21.68
C PHE A 417 19.61 3.18 -20.28
N ALA A 418 20.02 2.40 -19.27
CA ALA A 418 20.11 2.90 -17.89
C ALA A 418 20.98 4.17 -17.81
N VAL A 419 22.15 4.11 -18.42
CA VAL A 419 23.10 5.23 -18.42
C VAL A 419 22.54 6.45 -19.16
N HIS A 420 21.88 6.23 -20.31
CA HIS A 420 21.22 7.32 -21.02
C HIS A 420 20.18 8.01 -20.16
N ALA A 421 19.36 7.21 -19.47
CA ALA A 421 18.30 7.76 -18.62
C ALA A 421 18.85 8.54 -17.43
N ILE A 422 19.86 7.97 -16.76
CA ILE A 422 20.51 8.63 -15.62
C ILE A 422 21.14 9.95 -16.04
N LYS A 423 21.84 9.93 -17.18
CA LYS A 423 22.43 11.15 -17.76
C LYS A 423 21.38 12.21 -18.07
N GLU A 424 20.27 11.77 -18.68
CA GLU A 424 19.22 12.70 -19.09
C GLU A 424 18.59 13.40 -17.89
N LEU A 425 18.34 12.66 -16.81
CA LEU A 425 17.81 13.23 -15.59
C LEU A 425 18.81 14.19 -14.95
N VAL A 426 20.05 13.75 -14.76
CA VAL A 426 21.08 14.58 -14.13
C VAL A 426 21.30 15.88 -14.94
N PHE A 427 21.44 15.74 -16.26
CA PHE A 427 21.59 16.90 -17.16
C PHE A 427 20.45 17.89 -17.02
N THR A 428 19.21 17.39 -16.98
CA THR A 428 18.04 18.27 -16.89
C THR A 428 17.97 19.02 -15.56
N ILE A 429 18.16 18.30 -14.46
CA ILE A 429 18.11 18.89 -13.11
C ILE A 429 19.11 20.02 -12.96
N LEU A 430 20.34 19.78 -13.40
CA LEU A 430 21.42 20.75 -13.25
C LEU A 430 21.21 21.95 -14.17
N THR A 431 20.72 21.68 -15.38
CA THR A 431 20.52 22.69 -16.41
C THR A 431 19.27 23.55 -16.17
N ARG A 432 18.15 22.91 -15.87
CA ARG A 432 16.85 23.57 -15.91
C ARG A 432 16.27 23.91 -14.53
N PHE A 433 16.95 23.49 -13.47
CA PHE A 433 16.48 23.72 -12.12
C PHE A 433 17.59 24.19 -11.20
N ASP A 434 17.23 24.95 -10.18
CA ASP A 434 18.13 25.20 -9.06
C ASP A 434 17.77 24.20 -7.99
N VAL A 435 18.72 23.36 -7.60
CA VAL A 435 18.51 22.35 -6.56
C VAL A 435 19.42 22.61 -5.36
N GLU A 436 18.82 22.70 -4.17
CA GLU A 436 19.54 23.01 -2.95
C GLU A 436 19.25 22.00 -1.83
N LEU A 437 20.30 21.65 -1.09
CA LEU A 437 20.14 20.88 0.14
C LEU A 437 19.43 21.75 1.17
N CYS A 438 18.46 21.17 1.87
CA CYS A 438 17.78 21.87 2.96
C CYS A 438 18.76 22.11 4.13
N ASP A 439 19.60 21.12 4.40
CA ASP A 439 20.67 21.27 5.37
C ASP A 439 21.99 21.37 4.59
N LYS A 440 22.49 22.61 4.45
CA LYS A 440 23.69 22.93 3.66
C LYS A 440 24.93 22.05 3.91
N ASN A 441 24.98 21.47 5.10
CA ASN A 441 26.12 20.65 5.52
C ASN A 441 25.88 19.15 5.44
N ALA A 442 24.71 18.76 4.94
CA ALA A 442 24.33 17.35 4.83
C ALA A 442 25.34 16.51 4.05
N THR A 443 25.43 15.24 4.44
CA THR A 443 26.10 14.21 3.64
C THR A 443 25.00 13.25 3.17
N VAL A 444 25.33 12.34 2.26
CA VAL A 444 24.31 11.39 1.77
C VAL A 444 23.86 10.48 2.91
N PRO A 445 22.60 10.00 2.85
CA PRO A 445 22.15 9.07 3.88
C PRO A 445 22.91 7.76 3.83
N LEU A 446 22.84 7.02 4.94
CA LEU A 446 23.35 5.66 5.01
C LEU A 446 22.46 4.77 4.15
N VAL A 447 22.97 3.59 3.84
CA VAL A 447 22.25 2.62 3.02
C VAL A 447 21.28 1.82 3.90
N ASP A 448 20.11 1.50 3.36
CA ASP A 448 19.22 0.51 3.98
C ASP A 448 19.80 -0.89 3.68
N PRO A 449 20.24 -1.63 4.72
CA PRO A 449 20.99 -2.90 4.53
C PRO A 449 20.18 -4.05 3.91
N SER A 450 18.85 -3.94 3.91
CA SER A 450 17.97 -4.90 3.21
C SER A 450 18.20 -4.98 1.70
N ARG A 451 18.78 -3.92 1.15
CA ARG A 451 18.99 -3.80 -0.30
C ARG A 451 20.17 -4.59 -0.84
N TYR A 452 21.12 -4.90 0.04
CA TYR A 452 22.29 -5.67 -0.37
C TYR A 452 21.85 -6.97 -1.04
N GLY A 453 22.34 -7.19 -2.25
CA GLY A 453 22.03 -8.40 -2.99
C GLY A 453 21.02 -8.22 -4.12
N PHE A 454 20.31 -7.10 -4.12
CA PHE A 454 19.17 -6.94 -5.04
C PHE A 454 19.31 -5.92 -6.18
N GLY A 455 20.43 -5.20 -6.21
CA GLY A 455 20.71 -4.25 -7.26
C GLY A 455 21.25 -2.98 -6.64
N ILE A 456 20.75 -1.83 -7.10
CA ILE A 456 21.21 -0.53 -6.59
C ILE A 456 20.70 -0.35 -5.17
N LEU A 457 21.57 0.11 -4.30
CA LEU A 457 21.21 0.34 -2.91
C LEU A 457 20.23 1.50 -2.78
N GLN A 458 19.42 1.46 -1.73
CA GLN A 458 18.48 2.52 -1.44
C GLN A 458 18.83 3.10 -0.07
N PRO A 459 18.58 4.42 0.15
CA PRO A 459 18.96 5.08 1.39
C PRO A 459 18.06 4.71 2.58
N ALA A 460 18.60 4.79 3.80
CA ALA A 460 17.80 4.55 5.01
C ALA A 460 16.68 5.58 5.18
N GLY A 461 17.03 6.86 5.10
CA GLY A 461 16.03 7.93 5.01
C GLY A 461 16.24 8.65 3.69
N ASP A 462 15.85 9.91 3.60
CA ASP A 462 16.06 10.64 2.35
C ASP A 462 17.00 11.82 2.53
N LEU A 463 17.43 12.41 1.42
CA LEU A 463 18.18 13.65 1.43
C LEU A 463 17.17 14.73 1.09
N GLU A 464 16.82 15.54 2.08
CA GLU A 464 15.80 16.58 1.91
C GLU A 464 16.34 17.72 1.05
N ILE A 465 15.63 18.02 -0.03
CA ILE A 465 16.03 19.09 -0.94
C ILE A 465 14.91 20.09 -1.20
N ARG A 466 15.27 21.22 -1.83
CA ARG A 466 14.29 22.16 -2.37
C ARG A 466 14.73 22.47 -3.82
N TYR A 467 13.77 22.63 -4.71
CA TYR A 467 14.07 23.01 -6.09
C TYR A 467 13.11 24.05 -6.66
N ARG A 468 13.59 24.77 -7.67
CA ARG A 468 12.79 25.79 -8.37
C ARG A 468 13.19 25.78 -9.84
N ILE A 469 12.32 26.29 -10.69
CA ILE A 469 12.66 26.53 -12.11
C ILE A 469 13.84 27.49 -12.19
N ARG A 470 14.84 27.14 -13.00
CA ARG A 470 16.01 27.99 -13.18
C ARG A 470 15.79 28.98 -14.32
N ARG B 13 -33.59 -22.58 -8.95
CA ARG B 13 -33.62 -21.11 -9.25
C ARG B 13 -33.06 -20.81 -10.64
N THR B 14 -33.91 -20.24 -11.48
CA THR B 14 -33.50 -19.81 -12.81
C THR B 14 -34.01 -18.40 -13.08
N ARG B 15 -33.28 -17.68 -13.92
CA ARG B 15 -33.62 -16.31 -14.28
C ARG B 15 -34.96 -16.20 -14.99
N ARG B 16 -35.71 -15.18 -14.61
CA ARG B 16 -36.92 -14.80 -15.32
C ARG B 16 -36.62 -13.58 -16.19
N ARG B 17 -37.57 -13.26 -17.09
CA ARG B 17 -37.50 -12.09 -17.96
C ARG B 17 -37.02 -10.85 -17.21
N ASN B 18 -36.03 -10.15 -17.78
CA ASN B 18 -35.52 -8.87 -17.24
C ASN B 18 -34.86 -8.92 -15.86
N GLU B 19 -34.72 -10.11 -15.28
CA GLU B 19 -34.04 -10.24 -13.98
C GLU B 19 -32.54 -9.97 -14.13
N PRO B 20 -31.87 -9.51 -13.05
CA PRO B 20 -30.45 -9.25 -13.18
C PRO B 20 -29.68 -10.54 -13.47
N PRO B 21 -28.40 -10.43 -13.91
CA PRO B 21 -27.52 -11.60 -14.00
C PRO B 21 -27.55 -12.37 -12.69
N LEU B 22 -27.55 -13.71 -12.79
CA LEU B 22 -27.66 -14.59 -11.62
C LEU B 22 -26.38 -15.39 -11.40
N ASP B 23 -25.79 -15.22 -10.21
CA ASP B 23 -24.53 -15.87 -9.87
C ASP B 23 -24.66 -16.73 -8.60
N LYS B 24 -24.93 -18.02 -8.80
CA LYS B 24 -25.21 -18.95 -7.71
C LYS B 24 -23.98 -19.45 -6.96
N GLY B 25 -22.82 -19.40 -7.61
CA GLY B 25 -21.62 -20.02 -7.06
C GLY B 25 -21.66 -21.54 -7.21
N MET B 26 -20.48 -22.15 -7.26
CA MET B 26 -20.36 -23.58 -7.52
C MET B 26 -20.75 -24.47 -6.34
N ILE B 27 -20.69 -23.91 -5.12
CA ILE B 27 -21.11 -24.63 -3.93
C ILE B 27 -22.63 -24.52 -3.71
N PRO B 28 -23.34 -25.66 -3.76
CA PRO B 28 -24.78 -25.71 -3.52
C PRO B 28 -25.19 -25.18 -2.15
N TRP B 29 -26.29 -24.43 -2.13
CA TRP B 29 -26.84 -23.76 -0.93
C TRP B 29 -25.95 -22.64 -0.39
N LEU B 30 -24.72 -22.98 0.00
CA LEU B 30 -23.80 -22.00 0.59
C LEU B 30 -23.54 -20.85 -0.36
N GLY B 31 -23.23 -21.19 -1.61
CA GLY B 31 -22.99 -20.20 -2.65
C GLY B 31 -21.80 -19.34 -2.36
N HIS B 32 -22.04 -18.02 -2.34
CA HIS B 32 -20.97 -17.05 -2.14
C HIS B 32 -20.83 -16.56 -0.69
N ALA B 33 -21.53 -17.22 0.23
CA ALA B 33 -21.59 -16.80 1.64
C ALA B 33 -20.24 -16.49 2.29
N LEU B 34 -19.24 -17.35 2.07
CA LEU B 34 -17.94 -17.15 2.71
C LEU B 34 -17.16 -15.94 2.18
N GLU B 35 -17.04 -15.83 0.86
CA GLU B 35 -16.35 -14.71 0.23
C GLU B 35 -17.02 -13.37 0.55
N PHE B 36 -18.35 -13.35 0.50
CA PHE B 36 -19.18 -12.17 0.79
C PHE B 36 -18.90 -11.72 2.23
N GLY B 37 -18.92 -12.68 3.16
CA GLY B 37 -18.69 -12.41 4.57
C GLY B 37 -17.28 -11.97 4.93
N LYS B 38 -16.28 -12.56 4.28
CA LYS B 38 -14.88 -12.25 4.56
C LYS B 38 -14.53 -10.80 4.22
N ASP B 39 -14.87 -10.39 3.01
CA ASP B 39 -14.64 -9.03 2.55
C ASP B 39 -15.75 -8.64 1.58
N ALA B 40 -16.78 -7.99 2.11
CA ALA B 40 -17.96 -7.62 1.32
C ALA B 40 -17.61 -6.70 0.14
N ALA B 41 -16.69 -5.78 0.36
CA ALA B 41 -16.29 -4.81 -0.65
C ALA B 41 -15.59 -5.50 -1.82
N LYS B 42 -14.62 -6.36 -1.48
CA LYS B 42 -13.87 -7.12 -2.47
C LYS B 42 -14.80 -8.02 -3.30
N PHE B 43 -15.69 -8.73 -2.61
CA PHE B 43 -16.60 -9.65 -3.30
C PHE B 43 -17.56 -8.94 -4.26
N LEU B 44 -18.17 -7.86 -3.79
CA LEU B 44 -19.18 -7.17 -4.59
C LEU B 44 -18.56 -6.38 -5.75
N THR B 45 -17.32 -5.93 -5.58
CA THR B 45 -16.54 -5.30 -6.65
C THR B 45 -16.22 -6.31 -7.76
N ARG B 46 -15.82 -7.51 -7.36
CA ARG B 46 -15.55 -8.62 -8.28
C ARG B 46 -16.84 -9.00 -9.01
N MET B 47 -17.95 -9.05 -8.27
CA MET B 47 -19.24 -9.31 -8.88
C MET B 47 -19.67 -8.21 -9.86
N LYS B 48 -19.37 -6.95 -9.52
CA LYS B 48 -19.67 -5.80 -10.38
C LYS B 48 -18.90 -5.88 -11.71
N GLU B 49 -17.61 -6.17 -11.63
CA GLU B 49 -16.75 -6.36 -12.81
C GLU B 49 -17.27 -7.52 -13.69
N LYS B 50 -17.77 -8.56 -13.04
CA LYS B 50 -18.28 -9.75 -13.74
C LYS B 50 -19.62 -9.50 -14.44
N HIS B 51 -20.52 -8.80 -13.76
CA HIS B 51 -21.92 -8.75 -14.18
C HIS B 51 -22.49 -7.36 -14.50
N GLY B 52 -21.87 -6.31 -13.94
CA GLY B 52 -22.39 -4.95 -14.09
C GLY B 52 -22.98 -4.36 -12.81
N ASP B 53 -23.78 -3.31 -12.97
CA ASP B 53 -24.28 -2.49 -11.85
C ASP B 53 -25.38 -3.16 -11.04
N ILE B 54 -25.88 -4.28 -11.56
CA ILE B 54 -26.89 -5.08 -10.89
C ILE B 54 -26.68 -6.58 -11.14
N PHE B 55 -26.82 -7.37 -10.08
CA PHE B 55 -26.65 -8.82 -10.15
C PHE B 55 -27.31 -9.46 -8.94
N THR B 56 -27.69 -10.74 -9.09
CA THR B 56 -28.27 -11.51 -8.00
C THR B 56 -27.28 -12.61 -7.60
N VAL B 57 -27.08 -12.71 -6.30
CA VAL B 57 -26.08 -13.58 -5.72
C VAL B 57 -26.76 -14.60 -4.80
N ARG B 58 -26.22 -15.81 -4.77
CA ARG B 58 -26.63 -16.82 -3.80
C ARG B 58 -25.68 -16.78 -2.62
N ALA B 59 -26.23 -16.77 -1.40
CA ALA B 59 -25.45 -16.87 -0.18
C ALA B 59 -26.28 -17.50 0.93
N ALA B 60 -25.82 -18.65 1.43
CA ALA B 60 -26.49 -19.38 2.51
C ALA B 60 -27.98 -19.64 2.26
N GLY B 61 -28.28 -20.15 1.05
CA GLY B 61 -29.65 -20.46 0.64
C GLY B 61 -30.51 -19.28 0.23
N LEU B 62 -29.98 -18.07 0.37
CA LEU B 62 -30.74 -16.85 0.08
C LEU B 62 -30.28 -16.21 -1.22
N TYR B 63 -31.19 -15.51 -1.88
CA TYR B 63 -30.85 -14.77 -3.09
C TYR B 63 -30.89 -13.27 -2.85
N ILE B 64 -29.74 -12.63 -3.08
CA ILE B 64 -29.56 -11.21 -2.80
C ILE B 64 -29.28 -10.49 -4.11
N THR B 65 -30.16 -9.55 -4.45
CA THR B 65 -29.93 -8.68 -5.59
C THR B 65 -29.19 -7.44 -5.08
N VAL B 66 -28.07 -7.15 -5.72
CA VAL B 66 -27.22 -6.06 -5.32
C VAL B 66 -27.29 -4.98 -6.41
N LEU B 67 -27.49 -3.73 -5.98
CA LEU B 67 -27.67 -2.61 -6.89
C LEU B 67 -26.58 -1.59 -6.63
N LEU B 68 -25.82 -1.26 -7.67
CA LEU B 68 -24.66 -0.39 -7.53
C LEU B 68 -24.67 0.81 -8.48
N ASP B 69 -25.83 1.08 -9.10
CA ASP B 69 -26.03 2.32 -9.86
C ASP B 69 -26.58 3.35 -8.87
N SER B 70 -25.70 4.26 -8.42
CA SER B 70 -26.02 5.19 -7.34
C SER B 70 -27.06 6.26 -7.67
N ASN B 71 -27.26 6.53 -8.96
CA ASN B 71 -28.27 7.49 -9.38
C ASN B 71 -29.69 6.91 -9.28
N CYS B 72 -29.77 5.62 -8.94
CA CYS B 72 -31.02 4.91 -8.76
C CYS B 72 -31.37 4.59 -7.31
N TYR B 73 -30.42 4.78 -6.39
CA TYR B 73 -30.59 4.35 -5.00
C TYR B 73 -31.84 4.92 -4.32
N ASP B 74 -31.95 6.24 -4.37
CA ASP B 74 -33.04 6.97 -3.71
C ASP B 74 -34.42 6.60 -4.25
N ALA B 75 -34.57 6.63 -5.57
CA ALA B 75 -35.85 6.32 -6.22
C ALA B 75 -36.34 4.90 -5.92
N VAL B 76 -35.43 3.93 -5.98
CA VAL B 76 -35.74 2.54 -5.68
C VAL B 76 -36.16 2.35 -4.23
N LEU B 77 -35.36 2.89 -3.31
CA LEU B 77 -35.55 2.64 -1.88
C LEU B 77 -36.75 3.39 -1.29
N SER B 78 -37.22 4.39 -2.03
CA SER B 78 -38.41 5.14 -1.63
C SER B 78 -39.68 4.28 -1.63
N ASP B 79 -39.64 3.14 -2.34
CA ASP B 79 -40.77 2.21 -2.39
C ASP B 79 -40.82 1.26 -1.18
N VAL B 80 -41.29 1.79 -0.06
CA VAL B 80 -41.40 1.03 1.19
C VAL B 80 -42.47 -0.06 1.14
N ALA B 81 -43.44 0.08 0.24
CA ALA B 81 -44.46 -0.95 0.05
C ALA B 81 -43.90 -2.23 -0.57
N SER B 82 -42.77 -2.12 -1.27
CA SER B 82 -42.14 -3.27 -1.93
C SER B 82 -40.79 -3.67 -1.31
N LEU B 83 -40.23 -2.77 -0.51
CA LEU B 83 -38.90 -2.98 0.05
C LEU B 83 -38.92 -2.71 1.54
N ASP B 84 -38.89 -3.80 2.31
CA ASP B 84 -39.03 -3.76 3.75
C ASP B 84 -37.67 -3.74 4.45
N GLN B 85 -37.48 -2.76 5.33
CA GLN B 85 -36.26 -2.67 6.14
C GLN B 85 -36.35 -3.42 7.47
N THR B 86 -37.58 -3.60 7.97
CA THR B 86 -37.82 -4.11 9.33
C THR B 86 -37.35 -5.54 9.60
N SER B 87 -37.53 -6.44 8.62
CA SER B 87 -37.25 -7.86 8.82
C SER B 87 -35.78 -8.18 9.05
N TYR B 88 -34.90 -7.61 8.22
CA TYR B 88 -33.46 -7.80 8.43
C TYR B 88 -32.97 -7.06 9.69
N ALA B 89 -33.61 -5.94 10.02
CA ALA B 89 -33.33 -5.21 11.25
C ALA B 89 -33.66 -6.06 12.48
N GLN B 90 -34.76 -6.81 12.38
CA GLN B 90 -35.16 -7.77 13.42
C GLN B 90 -34.19 -8.96 13.48
N VAL B 91 -33.72 -9.38 12.30
CA VAL B 91 -32.68 -10.39 12.21
C VAL B 91 -31.44 -9.93 12.98
N LEU B 92 -30.98 -8.73 12.68
CA LEU B 92 -29.78 -8.17 13.30
C LEU B 92 -29.91 -7.96 14.81
N MET B 93 -31.05 -7.43 15.27
CA MET B 93 -31.19 -7.16 16.68
C MET B 93 -31.45 -8.42 17.52
N LYS B 94 -31.98 -9.47 16.88
CA LYS B 94 -32.05 -10.79 17.50
C LYS B 94 -30.64 -11.40 17.60
N ARG B 95 -29.91 -11.38 16.49
CA ARG B 95 -28.59 -12.00 16.41
C ARG B 95 -27.52 -11.30 17.24
N ILE B 96 -27.42 -9.99 17.11
CA ILE B 96 -26.37 -9.20 17.77
C ILE B 96 -26.75 -8.80 19.19
N PHE B 97 -27.98 -8.31 19.37
CA PHE B 97 -28.39 -7.68 20.62
C PHE B 97 -29.30 -8.57 21.48
N ASN B 98 -29.57 -9.79 21.00
CA ASN B 98 -30.43 -10.75 21.69
C ASN B 98 -31.80 -10.15 21.99
N MET B 99 -32.33 -9.40 21.03
CA MET B 99 -33.52 -8.56 21.23
C MET B 99 -34.67 -8.94 20.30
N ILE B 100 -35.88 -8.92 20.85
CA ILE B 100 -37.11 -9.05 20.06
C ILE B 100 -38.11 -8.00 20.54
N LEU B 101 -38.67 -7.24 19.61
CA LEU B 101 -39.64 -6.19 19.96
C LEU B 101 -40.97 -6.39 19.22
N PRO B 102 -41.88 -7.18 19.82
CA PRO B 102 -43.19 -7.44 19.20
C PRO B 102 -44.10 -6.23 19.28
N SER B 103 -44.84 -5.98 18.19
CA SER B 103 -45.80 -4.87 18.07
C SER B 103 -45.14 -3.48 18.11
N HIS B 104 -43.85 -3.44 17.79
CA HIS B 104 -43.07 -2.19 17.83
C HIS B 104 -43.26 -1.36 16.57
N ASN B 105 -43.42 -0.06 16.76
CA ASN B 105 -43.49 0.90 15.66
C ASN B 105 -42.16 1.65 15.47
N PRO B 106 -41.40 1.28 14.42
CA PRO B 106 -40.09 1.90 14.16
C PRO B 106 -40.19 3.38 13.76
N GLU B 107 -41.25 3.74 13.03
CA GLU B 107 -41.44 5.09 12.51
C GLU B 107 -41.54 6.12 13.63
N SER B 108 -42.12 5.68 14.76
CA SER B 108 -42.32 6.56 15.90
C SER B 108 -40.98 6.97 16.53
N GLU B 109 -40.12 6.00 16.81
CA GLU B 109 -38.79 6.26 17.38
C GLU B 109 -37.87 6.99 16.41
N LYS B 110 -37.98 6.68 15.12
CA LYS B 110 -37.20 7.32 14.05
C LYS B 110 -37.44 8.83 14.00
N LYS B 111 -38.71 9.21 14.15
CA LYS B 111 -39.10 10.61 14.14
C LYS B 111 -38.61 11.32 15.41
N ARG B 112 -38.73 10.65 16.56
CA ARG B 112 -38.21 11.21 17.81
C ARG B 112 -36.69 11.38 17.75
N ALA B 113 -35.99 10.40 17.18
CA ALA B 113 -34.54 10.46 16.97
C ALA B 113 -34.14 11.63 16.07
N GLU B 114 -34.80 11.76 14.93
CA GLU B 114 -34.60 12.88 14.00
C GLU B 114 -34.70 14.22 14.73
N MET B 115 -35.80 14.39 15.45
CA MET B 115 -36.10 15.64 16.13
C MET B 115 -35.14 15.93 17.28
N HIS B 116 -34.75 14.91 18.01
CA HIS B 116 -33.86 15.09 19.16
C HIS B 116 -32.44 15.52 18.77
N PHE B 117 -31.99 15.08 17.60
CA PHE B 117 -30.64 15.38 17.13
C PHE B 117 -30.57 16.54 16.14
N GLN B 118 -31.57 17.41 16.17
CA GLN B 118 -31.58 18.65 15.38
C GLN B 118 -32.13 19.82 16.20
N GLY B 119 -31.96 21.04 15.68
CA GLY B 119 -32.56 22.23 16.26
C GLY B 119 -31.97 22.64 17.60
N ALA B 120 -32.82 23.18 18.48
CA ALA B 120 -32.39 23.54 19.84
C ALA B 120 -31.97 22.33 20.68
N SER B 121 -32.61 21.19 20.46
CA SER B 121 -32.18 19.94 21.13
C SER B 121 -30.73 19.59 20.80
N LEU B 122 -30.38 19.72 19.52
CA LEU B 122 -29.02 19.48 19.06
C LEU B 122 -28.02 20.43 19.71
N THR B 123 -28.43 21.69 19.86
CA THR B 123 -27.57 22.73 20.43
C THR B 123 -27.22 22.42 21.88
N GLN B 124 -28.21 22.01 22.67
CA GLN B 124 -28.00 21.58 24.05
C GLN B 124 -27.02 20.39 24.10
N LEU B 125 -27.37 19.31 23.39
CA LEU B 125 -26.55 18.11 23.30
C LEU B 125 -25.09 18.41 22.94
N SER B 126 -24.91 19.23 21.92
CA SER B 126 -23.59 19.61 21.43
C SER B 126 -22.79 20.40 22.45
N ASN B 127 -23.46 21.28 23.19
CA ASN B 127 -22.83 22.00 24.30
C ASN B 127 -22.39 21.06 25.42
N SER B 128 -23.26 20.12 25.79
CA SER B 128 -22.93 19.07 26.75
C SER B 128 -21.76 18.23 26.26
N MET B 129 -21.80 17.85 24.98
CA MET B 129 -20.73 17.07 24.36
C MET B 129 -19.38 17.76 24.50
N GLN B 130 -19.33 19.05 24.18
CA GLN B 130 -18.12 19.86 24.29
C GLN B 130 -17.62 19.90 25.74
N ASN B 131 -18.55 20.04 26.67
CA ASN B 131 -18.23 20.06 28.10
C ASN B 131 -17.70 18.73 28.62
N ASN B 132 -18.35 17.64 28.22
CA ASN B 132 -17.97 16.29 28.65
C ASN B 132 -16.59 15.87 28.14
N LEU B 133 -16.29 16.21 26.88
CA LEU B 133 -14.99 15.92 26.28
C LEU B 133 -13.87 16.68 26.97
N ARG B 134 -14.15 17.93 27.34
CA ARG B 134 -13.21 18.75 28.13
C ARG B 134 -12.89 18.11 29.48
N LEU B 135 -13.91 17.58 30.14
CA LEU B 135 -13.74 16.87 31.41
C LEU B 135 -12.97 15.56 31.28
N LEU B 136 -13.03 14.95 30.11
CA LEU B 136 -12.34 13.69 29.85
C LEU B 136 -10.94 13.88 29.28
N MET B 137 -10.63 15.10 28.85
CA MET B 137 -9.31 15.41 28.30
C MET B 137 -8.50 16.35 29.19
N THR B 138 -8.70 16.21 30.49
CA THR B 138 -7.81 16.78 31.51
C THR B 138 -6.49 16.01 31.43
N PRO B 139 -5.34 16.72 31.61
CA PRO B 139 -4.06 16.02 31.73
C PRO B 139 -4.11 14.87 32.73
N SER B 140 -4.88 15.04 33.81
CA SER B 140 -5.13 13.97 34.78
C SER B 140 -5.87 12.80 34.15
N GLU B 141 -6.95 13.11 33.43
CA GLU B 141 -7.78 12.09 32.78
C GLU B 141 -7.09 11.42 31.59
N MET B 142 -6.21 12.17 30.95
CA MET B 142 -5.39 11.66 29.85
C MET B 142 -4.12 10.95 30.36
N GLY B 143 -3.93 10.99 31.68
CA GLY B 143 -2.88 10.24 32.35
C GLY B 143 -1.45 10.72 32.13
N LEU B 144 -1.24 12.03 32.23
CA LEU B 144 0.09 12.61 32.09
C LEU B 144 0.33 13.85 32.96
N LYS B 145 1.61 14.22 33.11
CA LYS B 145 2.00 15.46 33.79
C LYS B 145 3.34 15.98 33.26
N TRP B 149 5.44 12.93 27.45
CA TRP B 149 5.00 11.98 26.42
C TRP B 149 4.31 10.76 27.02
N LYS B 150 3.27 10.29 26.33
CA LYS B 150 2.51 9.10 26.74
C LYS B 150 2.13 8.29 25.51
N LYS B 151 2.37 6.98 25.56
CA LYS B 151 2.11 6.09 24.42
C LYS B 151 0.71 5.47 24.46
N ASP B 152 0.08 5.42 23.29
CA ASP B 152 -1.24 4.83 23.11
C ASP B 152 -1.46 4.52 21.63
N GLY B 153 -2.43 3.65 21.34
CA GLY B 153 -2.90 3.47 19.98
C GLY B 153 -3.89 4.56 19.64
N LEU B 154 -3.73 5.18 18.48
CA LEU B 154 -4.59 6.29 18.05
C LEU B 154 -6.07 5.90 17.99
N PHE B 155 -6.37 4.71 17.47
CA PHE B 155 -7.74 4.19 17.40
C PHE B 155 -8.34 4.06 18.79
N ASN B 156 -7.58 3.44 19.69
CA ASN B 156 -8.01 3.26 21.06
C ASN B 156 -8.28 4.60 21.75
N LEU B 157 -7.40 5.58 21.57
CA LEU B 157 -7.54 6.90 22.17
C LEU B 157 -8.74 7.67 21.66
N CYS B 158 -8.92 7.70 20.34
CA CYS B 158 -10.03 8.41 19.70
C CYS B 158 -11.39 7.80 20.06
N TYR B 159 -11.47 6.46 19.99
CA TYR B 159 -12.68 5.71 20.32
C TYR B 159 -13.00 5.86 21.80
N SER B 160 -11.97 5.72 22.64
CA SER B 160 -12.10 5.90 24.09
C SER B 160 -12.74 7.24 24.42
N LEU B 161 -12.19 8.33 23.87
CA LEU B 161 -12.62 9.67 24.19
C LEU B 161 -14.01 10.03 23.64
N LEU B 162 -14.28 9.67 22.39
CA LEU B 162 -15.59 9.95 21.81
C LEU B 162 -16.70 9.05 22.36
N PHE B 163 -16.38 7.79 22.64
CA PHE B 163 -17.35 6.88 23.26
C PHE B 163 -17.78 7.41 24.62
N LYS B 164 -16.81 7.84 25.43
CA LYS B 164 -17.10 8.29 26.78
C LYS B 164 -17.80 9.65 26.79
N THR B 165 -17.35 10.56 25.93
CA THR B 165 -18.03 11.85 25.74
C THR B 165 -19.48 11.63 25.32
N GLY B 166 -19.67 10.77 24.32
CA GLY B 166 -20.99 10.47 23.78
C GLY B 166 -21.90 9.73 24.73
N TYR B 167 -21.36 8.76 25.45
CA TYR B 167 -22.13 8.03 26.46
C TYR B 167 -22.71 8.96 27.53
N LEU B 168 -21.86 9.78 28.14
CA LEU B 168 -22.27 10.75 29.16
C LEU B 168 -23.24 11.80 28.63
N THR B 169 -23.09 12.18 27.37
CA THR B 169 -23.95 13.20 26.76
C THR B 169 -25.32 12.62 26.47
N VAL B 170 -25.34 11.48 25.78
CA VAL B 170 -26.57 10.89 25.28
C VAL B 170 -27.31 10.12 26.39
N PHE B 171 -26.57 9.42 27.24
CA PHE B 171 -27.16 8.63 28.32
C PHE B 171 -27.25 9.39 29.65
N GLY B 172 -26.31 10.31 29.87
CA GLY B 172 -26.25 11.07 31.12
C GLY B 172 -25.49 10.35 32.23
N ALA B 173 -25.22 9.05 32.02
CA ALA B 173 -24.66 8.13 33.00
C ALA B 173 -25.60 7.92 34.20
N SER B 178 -14.40 7.94 36.53
CA SER B 178 -13.52 7.56 35.43
C SER B 178 -13.31 6.05 35.38
N ALA B 179 -13.33 5.41 36.55
CA ALA B 179 -13.17 3.95 36.66
C ALA B 179 -14.31 3.20 36.00
N ALA B 180 -15.54 3.68 36.19
CA ALA B 180 -16.73 3.08 35.60
C ALA B 180 -16.77 3.25 34.08
N LEU B 181 -16.39 4.44 33.61
CA LEU B 181 -16.41 4.76 32.17
C LEU B 181 -15.44 3.91 31.38
N THR B 182 -14.24 3.71 31.94
CA THR B 182 -13.20 2.89 31.32
C THR B 182 -13.64 1.44 31.20
N GLN B 183 -14.39 0.98 32.20
CA GLN B 183 -14.90 -0.39 32.24
C GLN B 183 -16.06 -0.59 31.27
N ILE B 184 -16.97 0.38 31.24
CA ILE B 184 -18.07 0.40 30.26
C ILE B 184 -17.53 0.41 28.83
N TYR B 185 -16.51 1.24 28.59
CA TYR B 185 -15.83 1.31 27.29
C TYR B 185 -15.19 -0.01 26.89
N GLU B 186 -14.36 -0.57 27.78
CA GLU B 186 -13.67 -1.85 27.55
C GLU B 186 -14.64 -3.00 27.27
N GLU B 187 -15.76 -3.01 28.00
CA GLU B 187 -16.81 -4.00 27.79
C GLU B 187 -17.52 -3.82 26.45
N PHE B 188 -17.74 -2.56 26.08
CA PHE B 188 -18.36 -2.23 24.80
C PHE B 188 -17.45 -2.58 23.62
N ARG B 189 -16.16 -2.30 23.76
CA ARG B 189 -15.17 -2.68 22.76
C ARG B 189 -15.10 -4.19 22.58
N ARG B 190 -15.30 -4.92 23.68
CA ARG B 190 -15.32 -6.38 23.67
C ARG B 190 -16.51 -6.91 22.84
N PHE B 191 -17.66 -6.27 23.01
CA PHE B 191 -18.89 -6.56 22.26
C PHE B 191 -18.79 -6.12 20.79
N ASP B 192 -18.34 -4.88 20.58
CA ASP B 192 -18.23 -4.27 19.24
C ASP B 192 -17.31 -5.05 18.30
N LYS B 193 -16.20 -5.55 18.84
CA LYS B 193 -15.23 -6.36 18.09
C LYS B 193 -15.87 -7.57 17.41
N LEU B 194 -16.83 -8.18 18.09
CA LEU B 194 -17.44 -9.44 17.63
C LEU B 194 -18.77 -9.25 16.89
N LEU B 195 -19.23 -8.00 16.78
CA LEU B 195 -20.52 -7.70 16.15
C LEU B 195 -20.69 -8.27 14.73
N PRO B 196 -19.70 -8.07 13.83
CA PRO B 196 -19.82 -8.62 12.48
C PRO B 196 -19.91 -10.14 12.45
N LYS B 197 -19.15 -10.79 13.33
CA LYS B 197 -19.19 -12.25 13.51
C LYS B 197 -20.53 -12.71 14.10
N LEU B 198 -21.08 -11.93 15.02
CA LEU B 198 -22.41 -12.20 15.56
C LEU B 198 -23.50 -12.04 14.51
N ALA B 199 -23.37 -11.02 13.66
CA ALA B 199 -24.35 -10.73 12.61
C ALA B 199 -24.35 -11.77 11.51
N ARG B 200 -23.16 -12.24 11.14
CA ARG B 200 -22.98 -13.22 10.06
C ARG B 200 -22.97 -14.67 10.56
N THR B 201 -23.14 -14.85 11.87
CA THR B 201 -23.06 -16.15 12.55
C THR B 201 -21.78 -16.93 12.21
N THR B 202 -20.64 -16.35 12.57
CA THR B 202 -19.33 -16.95 12.31
C THR B 202 -18.54 -17.03 13.61
N VAL B 203 -19.25 -16.91 14.74
CA VAL B 203 -18.64 -16.97 16.06
C VAL B 203 -18.30 -18.41 16.47
N ASN B 204 -17.13 -18.59 17.08
CA ASN B 204 -16.79 -19.86 17.74
C ASN B 204 -17.28 -19.84 19.19
N LYS B 205 -17.13 -20.97 19.89
CA LYS B 205 -17.65 -21.12 21.25
C LYS B 205 -17.06 -20.09 22.22
N GLU B 206 -15.76 -19.86 22.12
CA GLU B 206 -15.03 -18.94 23.00
C GLU B 206 -15.44 -17.48 22.80
N GLU B 207 -15.69 -17.11 21.54
CA GLU B 207 -16.14 -15.76 21.19
C GLU B 207 -17.57 -15.49 21.64
N LYS B 208 -18.42 -16.51 21.54
CA LYS B 208 -19.83 -16.39 21.91
C LYS B 208 -20.02 -16.22 23.42
N GLN B 209 -19.13 -16.81 24.21
CA GLN B 209 -19.11 -16.61 25.66
C GLN B 209 -18.62 -15.20 26.00
N ILE B 210 -17.60 -14.75 25.29
CA ILE B 210 -17.08 -13.38 25.43
C ILE B 210 -18.17 -12.35 25.12
N ALA B 211 -18.88 -12.58 24.01
CA ALA B 211 -19.97 -11.69 23.57
C ALA B 211 -21.12 -11.61 24.58
N SER B 212 -21.59 -12.77 25.04
CA SER B 212 -22.67 -12.86 26.01
C SER B 212 -22.31 -12.21 27.35
N ALA B 213 -21.07 -12.43 27.79
CA ALA B 213 -20.59 -11.90 29.07
C ALA B 213 -20.59 -10.38 29.07
N ALA B 214 -20.09 -9.80 27.97
CA ALA B 214 -20.04 -8.36 27.79
C ALA B 214 -21.44 -7.74 27.76
N ARG B 215 -22.35 -8.37 27.00
CA ARG B 215 -23.73 -7.91 26.88
C ARG B 215 -24.42 -7.77 28.24
N GLU B 216 -24.44 -8.86 29.02
CA GLU B 216 -25.03 -8.88 30.37
C GLU B 216 -24.47 -7.78 31.28
N LYS B 217 -23.16 -7.57 31.21
CA LYS B 217 -22.50 -6.51 31.97
C LYS B 217 -22.92 -5.12 31.49
N LEU B 218 -23.00 -4.95 30.17
CA LEU B 218 -23.47 -3.70 29.56
C LEU B 218 -24.93 -3.45 29.88
N TRP B 219 -25.76 -4.49 29.83
CA TRP B 219 -27.18 -4.40 30.21
C TRP B 219 -27.36 -3.91 31.65
N LYS B 220 -26.48 -4.38 32.53
CA LYS B 220 -26.48 -3.95 33.93
C LYS B 220 -26.03 -2.50 34.06
N TRP B 221 -24.89 -2.18 33.44
CA TRP B 221 -24.33 -0.82 33.49
C TRP B 221 -25.27 0.26 32.96
N LEU B 222 -25.93 -0.03 31.83
CA LEU B 222 -26.84 0.91 31.21
C LEU B 222 -28.20 0.89 31.89
N SER B 235 -36.52 13.54 28.05
CA SER B 235 -35.35 12.80 27.59
C SER B 235 -35.68 11.97 26.35
N TRP B 236 -34.74 11.94 25.40
CA TRP B 236 -34.88 11.11 24.19
C TRP B 236 -34.99 9.63 24.56
N LEU B 237 -34.03 9.18 25.37
CA LEU B 237 -33.96 7.81 25.82
C LEU B 237 -35.16 7.47 26.70
N GLY B 238 -35.56 8.43 27.53
CA GLY B 238 -36.73 8.28 28.42
C GLY B 238 -38.03 8.08 27.66
N SER B 239 -38.21 8.84 26.58
CA SER B 239 -39.38 8.70 25.71
C SER B 239 -39.34 7.39 24.91
N TYR B 240 -38.13 6.95 24.58
CA TYR B 240 -37.93 5.69 23.88
C TYR B 240 -38.35 4.50 24.76
N VAL B 241 -37.83 4.46 25.99
CA VAL B 241 -38.23 3.46 26.98
C VAL B 241 -39.75 3.49 27.22
N LYS B 242 -40.30 4.70 27.35
CA LYS B 242 -41.74 4.88 27.57
C LYS B 242 -42.60 4.28 26.45
N GLN B 243 -42.17 4.47 25.19
CA GLN B 243 -42.88 3.86 24.07
C GLN B 243 -42.89 2.34 24.17
N LEU B 244 -41.73 1.76 24.45
CA LEU B 244 -41.60 0.31 24.62
C LEU B 244 -42.55 -0.19 25.72
N GLN B 245 -42.60 0.51 26.84
CA GLN B 245 -43.54 0.22 27.93
C GLN B 245 -44.99 0.25 27.44
N ASP B 246 -45.35 1.28 26.67
CA ASP B 246 -46.68 1.42 26.08
C ASP B 246 -47.02 0.30 25.09
N GLU B 247 -45.98 -0.24 24.46
CA GLU B 247 -46.15 -1.31 23.48
C GLU B 247 -46.20 -2.71 24.13
N GLY B 248 -45.84 -2.78 25.41
CA GLY B 248 -45.92 -4.02 26.18
C GLY B 248 -44.60 -4.76 26.32
N ILE B 249 -43.49 -4.05 26.11
CA ILE B 249 -42.15 -4.62 26.18
C ILE B 249 -41.71 -4.77 27.64
N ASP B 250 -41.22 -5.96 27.98
CA ASP B 250 -40.82 -6.30 29.34
C ASP B 250 -39.56 -5.56 29.80
N ALA B 251 -39.40 -5.46 31.12
CA ALA B 251 -38.29 -4.72 31.74
C ALA B 251 -36.90 -5.24 31.34
N GLU B 252 -36.79 -6.56 31.14
CA GLU B 252 -35.55 -7.20 30.74
C GLU B 252 -35.17 -6.78 29.30
N MET B 253 -36.16 -6.76 28.42
CA MET B 253 -35.97 -6.39 27.03
C MET B 253 -35.67 -4.90 26.88
N GLN B 254 -36.29 -4.09 27.74
CA GLN B 254 -36.00 -2.67 27.85
C GLN B 254 -34.53 -2.41 28.21
N ARG B 255 -33.98 -3.25 29.09
CA ARG B 255 -32.56 -3.19 29.44
C ARG B 255 -31.69 -3.48 28.22
N ARG B 256 -32.08 -4.51 27.46
CA ARG B 256 -31.35 -4.96 26.28
C ARG B 256 -31.39 -3.91 25.17
N ALA B 257 -32.51 -3.17 25.10
CA ALA B 257 -32.68 -2.09 24.13
C ALA B 257 -31.66 -0.96 24.27
N MET B 258 -31.21 -0.70 25.49
CA MET B 258 -30.24 0.35 25.77
C MET B 258 -28.89 0.13 25.09
N LEU B 259 -28.47 -1.14 25.02
CA LEU B 259 -27.22 -1.47 24.32
C LEU B 259 -27.32 -1.21 22.81
N LEU B 260 -28.51 -1.43 22.23
CA LEU B 260 -28.73 -1.09 20.83
C LEU B 260 -28.58 0.41 20.61
N GLN B 261 -29.16 1.20 21.50
CA GLN B 261 -29.05 2.65 21.45
C GLN B 261 -27.62 3.12 21.71
N LEU B 262 -26.90 2.39 22.54
CA LEU B 262 -25.50 2.67 22.82
C LEU B 262 -24.65 2.43 21.56
N TRP B 263 -24.80 1.26 20.93
CA TRP B 263 -24.01 0.96 19.74
C TRP B 263 -24.34 1.89 18.57
N VAL B 264 -25.62 2.21 18.44
CA VAL B 264 -26.12 3.06 17.37
C VAL B 264 -25.63 4.52 17.48
N THR B 265 -25.41 4.97 18.70
CA THR B 265 -24.93 6.35 18.94
C THR B 265 -23.41 6.46 19.17
N GLN B 266 -22.75 5.33 19.45
CA GLN B 266 -21.34 5.36 19.87
C GLN B 266 -20.38 4.60 18.97
N GLY B 267 -20.93 3.79 18.06
CA GLY B 267 -20.12 2.85 17.30
C GLY B 267 -19.35 3.42 16.10
N ASN B 268 -19.57 4.70 15.79
CA ASN B 268 -19.04 5.28 14.54
C ASN B 268 -18.13 6.50 14.69
N ALA B 269 -18.47 7.40 15.61
CA ALA B 269 -17.83 8.72 15.70
C ALA B 269 -16.34 8.68 16.05
N GLY B 270 -15.99 7.89 17.07
CA GLY B 270 -14.60 7.69 17.47
C GLY B 270 -13.72 7.08 16.41
N PRO B 271 -14.14 5.95 15.82
CA PRO B 271 -13.46 5.40 14.64
C PRO B 271 -13.27 6.41 13.49
N ALA B 272 -14.29 7.19 13.16
CA ALA B 272 -14.18 8.19 12.09
C ALA B 272 -13.12 9.23 12.43
N ALA B 273 -13.12 9.67 13.70
CA ALA B 273 -12.09 10.59 14.20
C ALA B 273 -10.70 9.95 14.11
N PHE B 274 -10.60 8.67 14.45
CA PHE B 274 -9.34 7.93 14.28
C PHE B 274 -8.80 8.07 12.86
N TRP B 275 -9.65 7.79 11.87
CA TRP B 275 -9.26 7.88 10.46
C TRP B 275 -8.86 9.29 10.04
N VAL B 276 -9.61 10.31 10.49
CA VAL B 276 -9.25 11.70 10.22
C VAL B 276 -7.82 11.99 10.70
N MET B 277 -7.53 11.63 11.96
CA MET B 277 -6.21 11.86 12.55
C MET B 277 -5.13 11.03 11.83
N GLY B 278 -5.41 9.74 11.65
CA GLY B 278 -4.51 8.83 10.95
C GLY B 278 -4.10 9.32 9.58
N TYR B 279 -5.08 9.78 8.79
CA TYR B 279 -4.81 10.31 7.45
C TYR B 279 -4.00 11.60 7.49
N LEU B 280 -4.30 12.49 8.44
CA LEU B 280 -3.56 13.75 8.59
C LEU B 280 -2.10 13.53 9.01
N LEU B 281 -1.88 12.57 9.90
CA LEU B 281 -0.54 12.24 10.39
C LEU B 281 0.32 11.47 9.37
N THR B 282 -0.30 10.98 8.30
CA THR B 282 0.43 10.26 7.24
C THR B 282 0.42 11.04 5.91
N HIS B 283 -0.28 12.17 5.90
CA HIS B 283 -0.35 13.06 4.73
C HIS B 283 0.02 14.48 5.11
N PRO B 284 1.32 14.83 5.03
CA PRO B 284 1.87 16.13 5.45
C PRO B 284 1.15 17.37 4.89
N GLU B 285 0.89 17.40 3.58
CA GLU B 285 0.23 18.55 2.96
C GLU B 285 -1.22 18.72 3.44
N ALA B 286 -1.87 17.59 3.76
CA ALA B 286 -3.21 17.61 4.34
C ALA B 286 -3.18 18.30 5.69
N LEU B 287 -2.27 17.87 6.55
CA LEU B 287 -2.12 18.41 7.90
C LEU B 287 -1.73 19.89 7.90
N ARG B 288 -0.82 20.25 6.99
CA ARG B 288 -0.39 21.63 6.82
C ARG B 288 -1.55 22.56 6.52
N ALA B 289 -2.39 22.17 5.56
CA ALA B 289 -3.56 22.96 5.15
C ALA B 289 -4.59 23.12 6.26
N VAL B 290 -4.77 22.07 7.05
CA VAL B 290 -5.68 22.07 8.20
C VAL B 290 -5.16 23.01 9.30
N ARG B 291 -3.88 22.86 9.66
CA ARG B 291 -3.28 23.70 10.70
C ARG B 291 -3.30 25.18 10.30
N GLU B 292 -3.01 25.44 9.03
CA GLU B 292 -3.07 26.79 8.46
C GLU B 292 -4.46 27.41 8.61
N GLU B 293 -5.47 26.58 8.41
CA GLU B 293 -6.88 27.00 8.54
C GLU B 293 -7.24 27.36 9.97
N ILE B 294 -6.75 26.58 10.92
CA ILE B 294 -6.90 26.87 12.35
C ILE B 294 -6.17 28.16 12.73
N GLN B 295 -4.89 28.25 12.33
CA GLN B 295 -4.02 29.40 12.64
C GLN B 295 -4.53 30.72 12.04
N ASN B 308 -16.89 27.74 10.34
CA ASN B 308 -16.58 27.93 8.92
C ASN B 308 -15.20 27.38 8.56
N THR B 309 -15.13 26.08 8.27
CA THR B 309 -13.85 25.40 8.10
C THR B 309 -13.80 24.53 6.84
N PRO B 310 -13.66 25.18 5.65
CA PRO B 310 -13.75 24.49 4.35
C PRO B 310 -12.71 23.38 4.10
N VAL B 311 -11.48 23.57 4.57
CA VAL B 311 -10.43 22.56 4.38
C VAL B 311 -10.73 21.31 5.20
N PHE B 312 -10.97 21.47 6.50
CA PHE B 312 -11.33 20.34 7.35
C PHE B 312 -12.60 19.64 6.90
N ASP B 313 -13.57 20.42 6.39
CA ASP B 313 -14.82 19.88 5.88
C ASP B 313 -14.57 18.89 4.76
N SER B 314 -13.69 19.26 3.83
CA SER B 314 -13.28 18.38 2.73
C SER B 314 -12.50 17.17 3.23
N VAL B 315 -11.65 17.39 4.23
CA VAL B 315 -10.90 16.30 4.89
C VAL B 315 -11.84 15.26 5.50
N LEU B 316 -12.83 15.73 6.25
CA LEU B 316 -13.80 14.85 6.88
C LEU B 316 -14.65 14.12 5.84
N TRP B 317 -15.10 14.85 4.81
CA TRP B 317 -15.86 14.25 3.72
C TRP B 317 -15.06 13.18 2.95
N GLU B 318 -13.77 13.46 2.74
CA GLU B 318 -12.86 12.50 2.12
C GLU B 318 -12.66 11.25 2.98
N THR B 319 -12.51 11.46 4.28
CA THR B 319 -12.33 10.38 5.25
C THR B 319 -13.57 9.49 5.31
N LEU B 320 -14.74 10.12 5.27
CA LEU B 320 -16.02 9.42 5.24
C LEU B 320 -16.22 8.66 3.93
N ARG B 321 -15.77 9.24 2.81
CA ARG B 321 -15.80 8.55 1.52
C ARG B 321 -15.02 7.23 1.58
N LEU B 322 -13.91 7.23 2.31
CA LEU B 322 -13.03 6.06 2.42
C LEU B 322 -13.41 5.03 3.48
N THR B 323 -14.19 5.44 4.49
CA THR B 323 -14.40 4.59 5.67
C THR B 323 -15.86 4.28 6.04
N ALA B 324 -16.80 5.13 5.62
CA ALA B 324 -18.21 4.88 5.89
C ALA B 324 -18.75 3.81 4.96
N ALA B 325 -18.99 2.62 5.51
CA ALA B 325 -19.30 1.47 4.69
C ALA B 325 -20.49 0.68 5.20
N ALA B 326 -21.56 1.37 5.57
CA ALA B 326 -22.81 0.70 5.95
C ALA B 326 -23.52 0.19 4.71
N LEU B 327 -23.93 -1.08 4.78
CA LEU B 327 -24.68 -1.74 3.73
C LEU B 327 -26.16 -1.50 3.96
N ILE B 328 -26.88 -1.21 2.88
CA ILE B 328 -28.32 -1.01 2.94
C ILE B 328 -29.00 -2.30 2.49
N THR B 329 -29.92 -2.82 3.31
CA THR B 329 -30.57 -4.11 3.04
C THR B 329 -32.08 -3.98 3.18
N ARG B 330 -32.80 -4.55 2.21
CA ARG B 330 -34.26 -4.64 2.24
C ARG B 330 -34.68 -6.05 1.86
N ASP B 331 -35.81 -6.50 2.42
CA ASP B 331 -36.49 -7.66 1.89
C ASP B 331 -37.46 -7.21 0.79
N VAL B 332 -37.40 -7.88 -0.35
CA VAL B 332 -38.31 -7.63 -1.46
C VAL B 332 -39.63 -8.34 -1.18
N THR B 333 -40.66 -7.57 -0.88
CA THR B 333 -41.94 -8.16 -0.47
C THR B 333 -42.87 -8.43 -1.64
N GLN B 334 -42.64 -7.75 -2.77
CA GLN B 334 -43.37 -8.03 -4.01
C GLN B 334 -42.51 -7.73 -5.22
N ASP B 335 -42.91 -8.27 -6.37
CA ASP B 335 -42.20 -8.04 -7.63
C ASP B 335 -42.14 -6.54 -7.92
N LYS B 336 -40.96 -6.09 -8.33
CA LYS B 336 -40.73 -4.67 -8.57
C LYS B 336 -39.84 -4.44 -9.79
N LYS B 337 -40.33 -3.61 -10.71
CA LYS B 337 -39.58 -3.19 -11.88
C LYS B 337 -38.79 -1.91 -11.63
N ILE B 338 -37.54 -1.92 -12.05
CA ILE B 338 -36.61 -0.84 -11.79
C ILE B 338 -35.90 -0.44 -13.07
N CYS B 339 -35.52 0.84 -13.17
CA CYS B 339 -34.78 1.32 -14.33
C CYS B 339 -33.43 1.89 -13.92
N LEU B 340 -32.38 1.40 -14.57
CA LEU B 340 -31.04 1.92 -14.37
C LEU B 340 -30.83 3.18 -15.22
N SER B 341 -29.73 3.88 -14.95
CA SER B 341 -29.42 5.15 -15.59
C SER B 341 -29.38 5.08 -17.11
N ASN B 342 -29.07 3.89 -17.65
CA ASN B 342 -29.01 3.74 -19.10
C ASN B 342 -30.38 3.43 -19.72
N GLY B 343 -31.41 3.36 -18.89
CA GLY B 343 -32.76 3.12 -19.35
C GLY B 343 -33.20 1.66 -19.35
N GLN B 344 -32.27 0.74 -19.07
CA GLN B 344 -32.60 -0.69 -19.03
C GLN B 344 -33.40 -1.02 -17.78
N GLU B 345 -34.50 -1.75 -17.97
CA GLU B 345 -35.38 -2.17 -16.89
C GLU B 345 -35.02 -3.57 -16.36
N TYR B 346 -35.04 -3.73 -15.04
CA TYR B 346 -34.76 -4.99 -14.37
C TYR B 346 -35.87 -5.34 -13.40
N HIS B 347 -36.12 -6.64 -13.23
CA HIS B 347 -37.16 -7.11 -12.30
C HIS B 347 -36.56 -7.67 -11.02
N LEU B 348 -36.99 -7.14 -9.89
CA LEU B 348 -36.63 -7.69 -8.58
C LEU B 348 -37.73 -8.65 -8.19
N ARG B 349 -37.38 -9.84 -7.69
CA ARG B 349 -38.42 -10.82 -7.38
C ARG B 349 -38.69 -10.94 -5.89
N ARG B 350 -39.98 -11.00 -5.56
CA ARG B 350 -40.48 -11.19 -4.19
C ARG B 350 -39.74 -12.31 -3.47
N GLY B 351 -39.32 -12.04 -2.23
CA GLY B 351 -38.66 -13.04 -1.39
C GLY B 351 -37.15 -12.92 -1.36
N ASP B 352 -36.61 -12.24 -2.37
CA ASP B 352 -35.19 -11.94 -2.41
C ASP B 352 -34.84 -10.83 -1.41
N ARG B 353 -33.54 -10.68 -1.16
CA ARG B 353 -33.08 -9.47 -0.49
C ARG B 353 -32.52 -8.51 -1.53
N LEU B 354 -32.67 -7.22 -1.25
CA LEU B 354 -32.03 -6.18 -2.03
C LEU B 354 -30.98 -5.48 -1.18
N CYS B 355 -29.76 -5.41 -1.70
CA CYS B 355 -28.67 -4.67 -1.07
C CYS B 355 -28.21 -3.50 -1.93
N VAL B 356 -27.98 -2.37 -1.28
CA VAL B 356 -27.42 -1.19 -1.90
C VAL B 356 -26.13 -0.87 -1.12
N PHE B 357 -25.02 -0.67 -1.83
CA PHE B 357 -23.72 -0.47 -1.16
C PHE B 357 -22.98 0.77 -1.68
N PRO B 358 -23.31 1.95 -1.12
CA PRO B 358 -22.70 3.23 -1.51
C PRO B 358 -21.18 3.30 -1.41
N PHE B 359 -20.59 2.49 -0.52
CA PHE B 359 -19.13 2.40 -0.45
C PHE B 359 -18.49 2.07 -1.80
N ILE B 360 -19.09 1.14 -2.54
CA ILE B 360 -18.54 0.72 -3.84
C ILE B 360 -18.85 1.75 -4.92
N SER B 361 -20.12 2.15 -5.00
CA SER B 361 -20.50 3.27 -5.85
C SER B 361 -21.52 4.12 -5.11
N PRO B 362 -21.30 5.45 -5.02
CA PRO B 362 -20.29 6.26 -5.71
C PRO B 362 -18.91 6.33 -5.05
N GLN B 363 -18.77 5.91 -3.79
CA GLN B 363 -17.63 6.32 -2.97
C GLN B 363 -16.25 5.83 -3.46
N MET B 364 -16.18 4.59 -3.92
CA MET B 364 -14.92 4.02 -4.41
C MET B 364 -14.95 3.77 -5.91
N ASP B 365 -15.89 4.43 -6.59
CA ASP B 365 -16.11 4.23 -8.02
C ASP B 365 -15.07 5.04 -8.80
N PRO B 366 -14.18 4.35 -9.54
CA PRO B 366 -13.09 5.02 -10.26
C PRO B 366 -13.60 5.90 -11.41
N GLN B 367 -14.82 5.65 -11.86
CA GLN B 367 -15.42 6.45 -12.93
C GLN B 367 -16.00 7.78 -12.40
N ILE B 368 -16.05 7.90 -11.08
CA ILE B 368 -16.50 9.14 -10.42
C ILE B 368 -15.34 9.82 -9.70
N HIS B 369 -14.62 9.03 -8.89
CA HIS B 369 -13.49 9.53 -8.14
C HIS B 369 -12.24 8.82 -8.64
N GLN B 370 -11.38 9.52 -9.36
CA GLN B 370 -10.16 8.86 -9.82
C GLN B 370 -9.14 8.70 -8.68
N GLN B 371 -8.36 7.62 -8.76
CA GLN B 371 -7.52 7.16 -7.65
C GLN B 371 -8.33 7.05 -6.34
N PRO B 372 -9.47 6.31 -6.39
CA PRO B 372 -10.40 6.32 -5.25
C PRO B 372 -9.81 5.74 -3.97
N GLU B 373 -8.79 4.89 -4.09
CA GLU B 373 -8.14 4.31 -2.90
C GLU B 373 -7.19 5.28 -2.19
N MET B 374 -6.96 6.44 -2.81
CA MET B 374 -6.05 7.43 -2.25
C MET B 374 -6.79 8.50 -1.48
N PHE B 375 -6.26 8.84 -0.31
CA PHE B 375 -6.74 9.97 0.48
C PHE B 375 -6.29 11.27 -0.18
N GLN B 376 -7.24 11.99 -0.77
CA GLN B 376 -6.99 13.33 -1.30
C GLN B 376 -7.79 14.33 -0.48
N PHE B 377 -7.12 15.04 0.42
CA PHE B 377 -7.77 15.95 1.37
C PHE B 377 -8.61 17.03 0.69
N ASP B 378 -8.20 17.45 -0.50
CA ASP B 378 -8.87 18.52 -1.23
C ASP B 378 -9.81 18.02 -2.34
N ARG B 379 -10.24 16.76 -2.24
CA ARG B 379 -11.13 16.14 -3.26
C ARG B 379 -12.47 16.86 -3.38
N PHE B 380 -12.93 17.45 -2.29
CA PHE B 380 -14.21 18.17 -2.28
C PHE B 380 -14.07 19.70 -2.21
N LEU B 381 -12.92 20.19 -2.67
CA LEU B 381 -12.69 21.62 -2.82
C LEU B 381 -12.35 21.97 -4.26
N ASN B 382 -12.85 23.11 -4.72
CA ASN B 382 -12.47 23.69 -6.00
C ASN B 382 -11.09 24.35 -5.90
N ALA B 383 -10.56 24.81 -7.03
CA ALA B 383 -9.22 25.43 -7.07
C ALA B 383 -9.07 26.63 -6.14
N ASP B 384 -10.18 27.35 -5.93
CA ASP B 384 -10.20 28.51 -5.04
C ASP B 384 -10.67 28.17 -3.62
N ARG B 385 -10.66 26.88 -3.29
CA ARG B 385 -11.07 26.37 -1.98
C ARG B 385 -12.57 26.54 -1.65
N THR B 386 -13.37 26.81 -2.68
CA THR B 386 -14.82 26.73 -2.59
C THR B 386 -15.21 25.26 -2.72
N GLU B 387 -16.42 24.91 -2.28
CA GLU B 387 -16.88 23.52 -2.27
C GLU B 387 -17.10 22.95 -3.67
N LYS B 388 -16.38 21.88 -3.99
CA LYS B 388 -16.58 21.17 -5.26
C LYS B 388 -17.82 20.31 -5.18
N LYS B 389 -18.81 20.62 -6.03
CA LYS B 389 -20.10 19.92 -6.03
C LYS B 389 -20.36 19.24 -7.38
N ASP B 390 -19.50 19.51 -8.35
CA ASP B 390 -19.64 18.98 -9.69
C ASP B 390 -18.93 17.63 -9.83
N PHE B 391 -19.73 16.56 -9.89
CA PHE B 391 -19.22 15.21 -10.07
C PHE B 391 -19.99 14.51 -11.18
N PHE B 392 -19.29 13.62 -11.89
CA PHE B 392 -19.83 13.01 -13.10
C PHE B 392 -19.46 11.55 -13.22
N LYS B 393 -20.33 10.79 -13.87
CA LYS B 393 -19.99 9.44 -14.30
C LYS B 393 -20.41 9.26 -15.76
N ASN B 394 -19.41 9.02 -16.63
CA ASN B 394 -19.67 8.81 -18.05
C ASN B 394 -20.51 9.93 -18.68
N GLY B 395 -20.17 11.17 -18.34
CA GLY B 395 -20.88 12.35 -18.88
C GLY B 395 -22.07 12.82 -18.07
N ALA B 396 -22.64 11.92 -17.26
CA ALA B 396 -23.82 12.23 -16.46
C ALA B 396 -23.46 12.77 -15.09
N ARG B 397 -24.19 13.82 -14.68
CA ARG B 397 -24.03 14.42 -13.35
C ARG B 397 -24.30 13.41 -12.25
N VAL B 398 -23.44 13.40 -11.23
CA VAL B 398 -23.64 12.57 -10.06
C VAL B 398 -24.09 13.46 -8.89
N LYS B 399 -25.31 13.25 -8.45
CA LYS B 399 -25.94 14.02 -7.37
C LYS B 399 -25.14 13.93 -6.06
N TYR B 400 -24.98 12.71 -5.54
CA TYR B 400 -24.27 12.49 -4.29
C TYR B 400 -22.97 11.72 -4.54
N PRO B 401 -21.83 12.41 -4.51
CA PRO B 401 -20.54 11.76 -4.73
C PRO B 401 -20.11 10.85 -3.57
N SER B 402 -20.77 11.00 -2.44
CA SER B 402 -20.50 10.18 -1.26
C SER B 402 -21.77 10.12 -0.41
N VAL B 403 -22.05 8.94 0.13
CA VAL B 403 -23.30 8.68 0.86
C VAL B 403 -23.08 8.08 2.27
N PRO B 404 -22.29 8.76 3.12
CA PRO B 404 -21.89 8.16 4.41
C PRO B 404 -23.03 7.97 5.42
N TRP B 405 -24.02 8.85 5.37
CA TRP B 405 -25.10 8.90 6.35
C TRP B 405 -26.28 8.07 5.91
N GLY B 406 -26.20 7.51 4.71
CA GLY B 406 -27.26 6.71 4.16
C GLY B 406 -28.05 7.44 3.09
N THR B 407 -29.05 6.74 2.56
CA THR B 407 -29.90 7.19 1.45
C THR B 407 -30.82 8.36 1.87
N GLU B 408 -31.28 9.17 0.91
CA GLU B 408 -31.90 10.47 1.25
C GLU B 408 -33.15 10.42 2.17
N ASP B 409 -33.91 9.33 2.10
CA ASP B 409 -35.05 9.12 3.00
C ASP B 409 -34.68 8.35 4.27
N ASN B 410 -33.43 7.92 4.37
CA ASN B 410 -32.97 7.08 5.48
C ASN B 410 -31.62 7.55 6.00
N LEU B 411 -31.58 8.82 6.40
CA LEU B 411 -30.38 9.48 6.86
C LEU B 411 -30.12 9.21 8.34
N CYS B 412 -28.86 9.09 8.70
CA CYS B 412 -28.45 9.07 10.10
C CYS B 412 -29.00 10.32 10.79
N PRO B 413 -29.88 10.13 11.80
CA PRO B 413 -30.42 11.30 12.50
C PRO B 413 -29.36 12.01 13.35
N GLY B 414 -28.32 11.26 13.76
CA GLY B 414 -27.20 11.82 14.54
C GLY B 414 -26.07 12.47 13.78
N ARG B 415 -26.22 12.65 12.46
CA ARG B 415 -25.12 13.12 11.59
C ARG B 415 -24.52 14.49 11.97
N HIS B 416 -25.37 15.45 12.31
CA HIS B 416 -24.90 16.78 12.68
C HIS B 416 -24.12 16.72 14.00
N PHE B 417 -24.62 15.93 14.93
CA PHE B 417 -23.98 15.73 16.23
C PHE B 417 -22.64 14.99 16.09
N ALA B 418 -22.64 13.97 15.23
CA ALA B 418 -21.42 13.21 14.91
C ALA B 418 -20.31 14.11 14.37
N VAL B 419 -20.66 14.98 13.42
CA VAL B 419 -19.72 15.95 12.85
C VAL B 419 -19.19 16.91 13.91
N HIS B 420 -20.09 17.41 14.76
CA HIS B 420 -19.69 18.27 15.89
C HIS B 420 -18.71 17.55 16.81
N ALA B 421 -19.01 16.29 17.11
CA ALA B 421 -18.18 15.46 17.98
C ALA B 421 -16.79 15.22 17.39
N ILE B 422 -16.74 14.88 16.10
CA ILE B 422 -15.48 14.64 15.41
C ILE B 422 -14.65 15.93 15.33
N LYS B 423 -15.28 17.01 14.88
CA LYS B 423 -14.66 18.34 14.83
C LYS B 423 -14.02 18.72 16.17
N GLU B 424 -14.77 18.53 17.24
CA GLU B 424 -14.37 18.94 18.59
C GLU B 424 -13.14 18.20 19.12
N LEU B 425 -13.10 16.88 18.91
CA LEU B 425 -11.95 16.05 19.30
C LEU B 425 -10.71 16.37 18.46
N VAL B 426 -10.89 16.43 17.14
CA VAL B 426 -9.79 16.72 16.23
C VAL B 426 -9.19 18.11 16.49
N PHE B 427 -10.04 19.13 16.63
CA PHE B 427 -9.60 20.48 16.97
C PHE B 427 -8.76 20.51 18.25
N THR B 428 -9.23 19.80 19.28
CA THR B 428 -8.55 19.76 20.57
C THR B 428 -7.16 19.11 20.49
N ILE B 429 -7.06 17.97 19.82
CA ILE B 429 -5.79 17.27 19.67
C ILE B 429 -4.76 18.13 18.93
N LEU B 430 -5.22 18.83 17.88
CA LEU B 430 -4.34 19.64 17.05
C LEU B 430 -3.90 20.95 17.70
N THR B 431 -4.71 21.47 18.61
CA THR B 431 -4.43 22.77 19.25
C THR B 431 -3.84 22.64 20.65
N ARG B 432 -4.30 21.66 21.41
CA ARG B 432 -3.96 21.56 22.84
C ARG B 432 -2.90 20.50 23.14
N PHE B 433 -2.70 19.59 22.19
CA PHE B 433 -1.74 18.50 22.34
C PHE B 433 -0.69 18.49 21.23
N ASP B 434 0.47 17.92 21.54
CA ASP B 434 1.43 17.48 20.53
C ASP B 434 1.29 15.97 20.40
N VAL B 435 1.19 15.49 19.17
CA VAL B 435 0.97 14.07 18.90
C VAL B 435 1.89 13.56 17.79
N GLU B 436 2.56 12.44 18.04
CA GLU B 436 3.58 11.93 17.13
C GLU B 436 3.44 10.44 16.85
N LEU B 437 3.73 10.06 15.61
CA LEU B 437 3.80 8.65 15.21
C LEU B 437 5.03 7.99 15.83
N CYS B 438 4.83 6.86 16.50
CA CYS B 438 5.92 6.07 17.08
C CYS B 438 6.90 5.58 16.01
N ASP B 439 6.41 5.50 14.77
CA ASP B 439 7.24 5.25 13.60
C ASP B 439 7.04 6.38 12.61
N LYS B 440 8.10 7.11 12.31
CA LYS B 440 8.06 8.24 11.37
C LYS B 440 7.54 7.82 10.00
N ASN B 441 7.86 6.59 9.61
CA ASN B 441 7.46 6.06 8.31
C ASN B 441 6.18 5.19 8.36
N ALA B 442 5.47 5.25 9.49
CA ALA B 442 4.23 4.50 9.64
C ALA B 442 3.19 4.93 8.61
N THR B 443 2.40 3.96 8.17
CA THR B 443 1.33 4.19 7.22
C THR B 443 0.01 3.82 7.89
N VAL B 444 -1.09 4.43 7.45
CA VAL B 444 -2.42 4.13 8.00
C VAL B 444 -2.71 2.63 7.95
N PRO B 445 -3.20 2.05 9.06
CA PRO B 445 -3.47 0.62 9.13
C PRO B 445 -4.48 0.18 8.07
N LEU B 446 -4.34 -1.05 7.58
CA LEU B 446 -5.31 -1.63 6.67
C LEU B 446 -6.59 -1.89 7.44
N VAL B 447 -7.71 -1.91 6.71
CA VAL B 447 -9.02 -2.15 7.30
C VAL B 447 -9.19 -3.63 7.63
N ASP B 448 -9.87 -3.91 8.75
CA ASP B 448 -10.35 -5.25 9.04
C ASP B 448 -11.57 -5.50 8.14
N PRO B 449 -11.42 -6.40 7.13
CA PRO B 449 -12.45 -6.57 6.11
C PRO B 449 -13.77 -7.12 6.64
N SER B 450 -13.75 -7.62 7.89
CA SER B 450 -14.95 -8.04 8.61
C SER B 450 -15.94 -6.91 8.86
N ARG B 451 -15.44 -5.67 8.90
CA ARG B 451 -16.24 -4.51 9.27
C ARG B 451 -17.09 -3.92 8.13
N TYR B 452 -16.85 -4.34 6.89
CA TYR B 452 -17.66 -3.87 5.76
C TYR B 452 -19.13 -4.18 5.99
N GLY B 453 -19.99 -3.19 5.80
CA GLY B 453 -21.43 -3.39 5.92
C GLY B 453 -22.08 -2.82 7.17
N PHE B 454 -21.29 -2.52 8.18
CA PHE B 454 -21.83 -2.15 9.49
C PHE B 454 -21.63 -0.70 9.93
N GLY B 455 -20.91 0.08 9.13
CA GLY B 455 -20.68 1.49 9.44
C GLY B 455 -19.25 1.90 9.14
N ILE B 456 -18.67 2.72 10.00
CA ILE B 456 -17.28 3.14 9.79
C ILE B 456 -16.35 1.96 10.02
N LEU B 457 -15.48 1.74 9.03
CA LEU B 457 -14.49 0.68 9.08
C LEU B 457 -13.55 0.86 10.26
N GLN B 458 -13.02 -0.26 10.75
CA GLN B 458 -12.07 -0.25 11.85
C GLN B 458 -10.76 -0.91 11.41
N PRO B 459 -9.62 -0.38 11.89
CA PRO B 459 -8.31 -0.88 11.48
C PRO B 459 -8.05 -2.28 12.02
N ALA B 460 -7.27 -3.06 11.28
CA ALA B 460 -6.91 -4.42 11.70
C ALA B 460 -6.06 -4.36 12.97
N GLY B 461 -4.99 -3.56 12.91
CA GLY B 461 -4.19 -3.23 14.08
C GLY B 461 -4.22 -1.73 14.31
N ASP B 462 -3.86 -1.30 15.51
CA ASP B 462 -3.86 0.12 15.84
C ASP B 462 -2.64 0.84 15.27
N LEU B 463 -2.69 2.17 15.28
CA LEU B 463 -1.56 3.00 14.89
C LEU B 463 -0.95 3.63 16.15
N GLU B 464 0.25 3.19 16.50
CA GLU B 464 0.87 3.59 17.77
C GLU B 464 1.38 5.02 17.72
N ILE B 465 0.97 5.80 18.72
CA ILE B 465 1.34 7.21 18.81
C ILE B 465 1.81 7.60 20.21
N ARG B 466 2.50 8.72 20.30
CA ARG B 466 2.84 9.34 21.58
C ARG B 466 2.24 10.74 21.64
N TYR B 467 1.83 11.16 22.83
CA TYR B 467 1.22 12.48 22.98
C TYR B 467 1.57 13.21 24.29
N ARG B 468 1.58 14.54 24.22
CA ARG B 468 1.86 15.41 25.36
C ARG B 468 1.10 16.72 25.18
N ILE B 469 0.86 17.44 26.28
CA ILE B 469 0.22 18.75 26.22
C ILE B 469 1.13 19.80 25.57
N ARG B 470 0.52 20.75 24.86
CA ARG B 470 1.26 21.80 24.16
C ARG B 470 1.64 22.92 25.13
#